data_6ZCL
#
_entry.id   6ZCL
#
loop_
_entity.id
_entity.type
_entity.pdbx_description
1 polymer 'capsid protein VP1'
2 polymer 'capsid protein VP2'
3 polymer 'capsid protein VP3'
4 polymer 'capsid protein VP4'
5 non-polymer '4-[[4-[1,3-bis(oxidanylidene)isoindol-2-yl]phenyl]sulfonylamino]benzoic acid'
6 non-polymer 'MYRISTIC ACID'
#
loop_
_entity_poly.entity_id
_entity_poly.type
_entity_poly.pdbx_seq_one_letter_code
_entity_poly.pdbx_strand_id
1 'polypeptide(L)'
;RVADTVGTGPTNSEAIPALTAAETGHTSQVVPGDTMQTRHVKNYHSRSESTIENFLCRSACVYFTEYKNSGAKRYAEWVL
TPRQAAQLRRKLEFFTYVRFDLELTFVITSTQQPSTTQNQDAQILTHQIMYVPPGGPVPDKVDSYVWQTSTNPSVFWTEG
NAPPRMSIPFLSIGNAYSNFYDGWSEFSRNGVYGINTLNNMGTLYARHVNAGSTGPIKSTIRIYFKPKHVKAWIPRPPRL
CQYEKAKNVNFQPSGVTTTRQSITTMTNT
;
A
2 'polypeptide(L)'
;SDRARSITLGNSTITTQECANVVVGYGVWPDYLKDSEATAEDQPTQPDVATCRFYTLDSVQWQKTSPGWWWKLPDALSNL
GLFGQNMQYHYLGRTGYTVHVQCNASKFHQGCLLVVCVPEAEMGCATLDNTPSSAELLGGDTAKEFADKPVASGSNKLVQ
RVVYNAGMGVGVGNLTIFPHQWINLRTNNSATIVMPYTNSVPMDNMFRHNNVTLMVIPFVPLDYCPGSTTYVPITVTIAP
MCAEYNGLRLAG
;
B
3 'polypeptide(L)'
;GLPTMNTPGSCQFLTSDDFQSPSAMPQYDVTPEMRIPGEVKNLMEIAEVDSVVPVQNVGEKVNSMEAYQIPVRSNEGSGT
QVFGFPLQPGYSSVFSRTLLGEILNYYTHWSGSIKLTFMFCGSAMATGKFLLAYSPPGAGAPTKRVDAMLGTHVIWDVGL
QSSCVLCIPWISQTHYRFVASDEYTAGGFITCWYQTNIVVPADAQSSCYIMCFVSACNDFSVRLLKDTPFISQQNFF
;
C
4 'polypeptide(L)' GAQVSTQKTGAHETRLNASGNSIIHYTNINYYKDAASNSANRQDFTQDPGKFTEPVKDIMIKSLPALN D
#
# COMPACT_ATOMS: atom_id res chain seq x y z
N ARG A 1 -7.82 -20.63 -4.77
CA ARG A 1 -8.24 -19.46 -5.58
C ARG A 1 -9.68 -19.09 -5.29
N VAL A 2 -10.51 -18.84 -6.34
CA VAL A 2 -11.91 -18.52 -6.24
C VAL A 2 -12.68 -19.68 -5.66
N ALA A 3 -13.63 -19.38 -4.75
CA ALA A 3 -14.41 -20.33 -4.00
C ALA A 3 -15.77 -20.45 -4.62
N ASP A 4 -16.45 -21.60 -4.36
CA ASP A 4 -17.74 -21.94 -4.92
C ASP A 4 -18.81 -21.41 -4.01
N THR A 5 -19.87 -20.80 -4.61
CA THR A 5 -21.08 -20.37 -3.94
C THR A 5 -21.83 -21.58 -3.48
N VAL A 6 -22.45 -21.51 -2.29
CA VAL A 6 -23.19 -22.61 -1.72
C VAL A 6 -24.61 -22.14 -1.64
N GLY A 7 -25.57 -23.03 -2.00
CA GLY A 7 -26.99 -22.76 -1.95
C GLY A 7 -27.47 -22.57 -0.54
N THR A 8 -28.54 -21.76 -0.36
CA THR A 8 -29.09 -21.45 0.93
C THR A 8 -30.56 -21.27 0.73
N GLY A 9 -31.36 -21.65 1.75
CA GLY A 9 -32.79 -21.47 1.77
C GLY A 9 -33.10 -20.37 2.74
N PRO A 10 -34.38 -20.12 3.02
CA PRO A 10 -34.86 -19.21 4.05
C PRO A 10 -34.25 -19.38 5.41
N THR A 11 -34.16 -18.30 6.21
CA THR A 11 -33.66 -18.35 7.56
C THR A 11 -34.61 -17.54 8.40
N ASN A 12 -34.49 -17.69 9.73
CA ASN A 12 -35.20 -16.97 10.74
C ASN A 12 -34.53 -17.58 11.94
N SER A 13 -33.56 -16.85 12.54
CA SER A 13 -32.59 -17.48 13.40
C SER A 13 -32.04 -16.39 14.28
N GLU A 14 -31.25 -16.78 15.32
CA GLU A 14 -30.64 -15.85 16.25
C GLU A 14 -29.26 -15.51 15.76
N ALA A 15 -28.80 -16.18 14.68
CA ALA A 15 -27.61 -15.84 13.94
C ALA A 15 -27.72 -14.47 13.32
N ILE A 16 -26.62 -13.71 13.31
CA ILE A 16 -26.59 -12.37 12.80
C ILE A 16 -25.26 -12.19 12.12
N PRO A 17 -25.00 -12.76 10.94
CA PRO A 17 -23.74 -12.60 10.25
C PRO A 17 -23.61 -11.22 9.66
N ALA A 18 -24.71 -10.59 9.18
CA ALA A 18 -24.71 -9.27 8.60
C ALA A 18 -24.29 -8.19 9.56
N LEU A 19 -24.77 -8.22 10.82
CA LEU A 19 -24.33 -7.33 11.88
C LEU A 19 -22.95 -7.69 12.32
N THR A 20 -22.11 -6.66 12.59
CA THR A 20 -20.73 -6.85 12.86
C THR A 20 -20.31 -5.59 13.58
N ALA A 21 -19.05 -5.53 14.05
CA ALA A 21 -18.44 -4.35 14.59
C ALA A 21 -17.21 -4.15 13.77
N ALA A 22 -17.11 -2.98 13.08
CA ALA A 22 -16.01 -2.71 12.18
C ALA A 22 -14.95 -1.92 12.89
N GLU A 23 -15.14 -1.70 14.22
CA GLU A 23 -14.24 -0.99 15.08
C GLU A 23 -13.11 -1.89 15.50
N THR A 24 -13.29 -3.21 15.32
CA THR A 24 -12.38 -4.23 15.78
C THR A 24 -11.17 -4.33 14.89
N GLY A 25 -11.22 -3.77 13.67
CA GLY A 25 -10.12 -3.71 12.74
C GLY A 25 -10.03 -4.98 11.95
N HIS A 26 -11.17 -5.68 11.83
CA HIS A 26 -11.30 -6.98 11.23
C HIS A 26 -12.26 -6.80 10.09
N THR A 27 -11.92 -7.36 8.91
CA THR A 27 -12.77 -7.33 7.74
C THR A 27 -13.67 -8.53 7.85
N SER A 28 -15.00 -8.29 7.75
CA SER A 28 -16.04 -9.28 7.85
C SER A 28 -15.94 -10.33 6.77
N GLN A 29 -16.30 -11.58 7.11
CA GLN A 29 -16.09 -12.74 6.27
C GLN A 29 -17.39 -13.21 5.70
N VAL A 30 -18.40 -12.30 5.66
CA VAL A 30 -19.71 -12.51 5.08
C VAL A 30 -19.60 -12.84 3.62
N VAL A 31 -20.41 -13.83 3.16
CA VAL A 31 -20.46 -14.31 1.81
C VAL A 31 -21.90 -14.12 1.39
N PRO A 32 -22.31 -14.21 0.12
CA PRO A 32 -23.64 -13.77 -0.30
C PRO A 32 -24.76 -14.62 0.24
N GLY A 33 -24.51 -15.91 0.55
CA GLY A 33 -25.52 -16.84 1.01
C GLY A 33 -26.05 -16.51 2.37
N ASP A 34 -25.27 -15.74 3.17
CA ASP A 34 -25.63 -15.25 4.47
C ASP A 34 -26.82 -14.32 4.46
N THR A 35 -26.90 -13.42 3.47
CA THR A 35 -27.86 -12.33 3.48
C THR A 35 -29.02 -12.60 2.54
N MET A 36 -29.00 -13.70 1.77
CA MET A 36 -30.03 -13.93 0.79
C MET A 36 -29.98 -15.34 0.33
N GLN A 37 -31.04 -15.79 -0.39
CA GLN A 37 -31.11 -17.10 -0.98
C GLN A 37 -30.31 -17.14 -2.24
N THR A 38 -29.43 -18.15 -2.37
CA THR A 38 -28.51 -18.27 -3.45
C THR A 38 -28.67 -19.66 -3.96
N ARG A 39 -28.16 -19.91 -5.19
CA ARG A 39 -28.06 -21.20 -5.77
C ARG A 39 -26.63 -21.62 -5.62
N HIS A 40 -26.35 -22.91 -5.86
CA HIS A 40 -25.01 -23.45 -5.84
C HIS A 40 -24.41 -23.23 -7.20
N VAL A 41 -23.22 -22.57 -7.25
CA VAL A 41 -22.53 -22.26 -8.47
C VAL A 41 -21.17 -22.92 -8.33
N LYS A 42 -20.68 -23.56 -9.41
CA LYS A 42 -19.32 -24.02 -9.50
C LYS A 42 -18.56 -22.92 -10.17
N ASN A 43 -17.44 -22.49 -9.57
CA ASN A 43 -16.59 -21.46 -10.12
C ASN A 43 -15.34 -22.13 -10.57
N TYR A 44 -14.86 -21.72 -11.76
CA TYR A 44 -13.68 -22.26 -12.38
C TYR A 44 -12.73 -21.13 -12.62
N HIS A 45 -12.94 -19.97 -11.96
CA HIS A 45 -12.12 -18.80 -12.10
C HIS A 45 -10.89 -18.98 -11.26
N SER A 46 -9.81 -18.24 -11.58
CA SER A 46 -8.52 -18.42 -10.97
C SER A 46 -8.00 -17.06 -10.66
N ARG A 47 -6.97 -16.99 -9.81
CA ARG A 47 -6.37 -15.77 -9.35
C ARG A 47 -4.93 -15.83 -9.75
N SER A 48 -4.63 -16.12 -11.04
CA SER A 48 -3.30 -16.40 -11.49
C SER A 48 -2.67 -15.20 -12.16
N GLU A 49 -3.45 -14.14 -12.44
CA GLU A 49 -2.97 -12.94 -13.09
C GLU A 49 -2.64 -11.92 -12.05
N SER A 50 -3.00 -12.18 -10.78
CA SER A 50 -2.87 -11.23 -9.71
C SER A 50 -1.84 -11.71 -8.73
N THR A 51 -1.02 -12.72 -9.10
CA THR A 51 0.20 -13.11 -8.43
C THR A 51 1.18 -11.96 -8.52
N ILE A 52 2.08 -11.79 -7.51
CA ILE A 52 3.06 -10.72 -7.46
C ILE A 52 4.13 -10.90 -8.53
N GLU A 53 4.33 -12.15 -8.98
CA GLU A 53 5.30 -12.51 -9.97
C GLU A 53 4.68 -12.53 -11.34
N ASN A 54 3.52 -11.88 -11.51
CA ASN A 54 2.89 -11.63 -12.79
C ASN A 54 2.77 -10.14 -12.92
N PHE A 55 2.38 -9.47 -11.81
CA PHE A 55 2.15 -8.06 -11.69
C PHE A 55 3.40 -7.26 -11.96
N LEU A 56 4.56 -7.71 -11.46
CA LEU A 56 5.79 -6.97 -11.52
C LEU A 56 6.71 -7.52 -12.57
N CYS A 57 6.37 -8.62 -13.27
CA CYS A 57 7.29 -9.30 -14.14
C CYS A 57 6.96 -9.03 -15.58
N ARG A 58 7.06 -7.75 -15.98
CA ARG A 58 6.96 -7.33 -17.36
C ARG A 58 7.94 -6.22 -17.48
N SER A 59 8.68 -6.15 -18.62
CA SER A 59 9.65 -5.13 -18.90
C SER A 59 9.03 -3.76 -18.99
N ALA A 60 9.73 -2.75 -18.44
CA ALA A 60 9.22 -1.42 -18.28
C ALA A 60 10.38 -0.53 -18.52
N CYS A 61 10.21 0.57 -19.29
CA CYS A 61 11.28 1.47 -19.62
C CYS A 61 11.48 2.40 -18.46
N VAL A 62 12.73 2.50 -17.98
CA VAL A 62 13.08 3.21 -16.79
C VAL A 62 13.76 4.48 -17.16
N TYR A 63 14.53 4.53 -18.27
CA TYR A 63 15.32 5.71 -18.54
C TYR A 63 15.70 5.66 -19.99
N PHE A 64 16.15 6.79 -20.56
CA PHE A 64 16.89 6.77 -21.80
C PHE A 64 17.79 7.97 -21.81
N THR A 65 18.97 7.83 -22.47
CA THR A 65 20.01 8.82 -22.51
C THR A 65 20.49 8.83 -23.93
N GLU A 66 21.25 9.88 -24.32
CA GLU A 66 21.78 10.04 -25.65
C GLU A 66 23.24 10.33 -25.54
N TYR A 67 24.00 10.03 -26.62
CA TYR A 67 25.43 10.24 -26.68
C TYR A 67 25.76 10.26 -28.14
N LYS A 68 26.93 10.81 -28.54
CA LYS A 68 27.26 11.09 -29.92
C LYS A 68 28.63 10.55 -30.18
N ASN A 69 28.99 10.45 -31.48
CA ASN A 69 30.27 9.94 -31.93
C ASN A 69 31.16 11.11 -32.30
N SER A 70 30.79 12.35 -31.91
CA SER A 70 31.55 13.54 -32.21
C SER A 70 31.20 14.52 -31.14
N GLY A 71 32.04 15.57 -30.97
CA GLY A 71 31.82 16.68 -30.08
C GLY A 71 31.73 16.30 -28.63
N ALA A 72 30.92 17.07 -27.86
CA ALA A 72 30.69 16.83 -26.46
C ALA A 72 29.61 15.79 -26.30
N LYS A 73 29.55 15.17 -25.09
CA LYS A 73 28.63 14.11 -24.73
C LYS A 73 28.96 12.89 -25.53
N ARG A 74 30.18 12.35 -25.34
CA ARG A 74 30.65 11.17 -26.04
C ARG A 74 30.15 9.90 -25.41
N TYR A 75 29.64 9.97 -24.16
CA TYR A 75 29.19 8.81 -23.45
C TYR A 75 28.04 9.24 -22.59
N ALA A 76 27.30 8.26 -22.04
CA ALA A 76 26.14 8.45 -21.22
C ALA A 76 26.42 7.82 -19.90
N GLU A 77 25.97 8.45 -18.79
CA GLU A 77 26.15 7.98 -17.44
C GLU A 77 24.76 7.84 -16.90
N TRP A 78 24.46 6.75 -16.15
CA TRP A 78 23.20 6.67 -15.45
C TRP A 78 23.37 5.82 -14.23
N VAL A 79 22.92 6.31 -13.06
CA VAL A 79 22.88 5.54 -11.82
C VAL A 79 21.59 4.78 -11.79
N LEU A 80 21.67 3.44 -11.72
CA LEU A 80 20.54 2.53 -11.78
C LEU A 80 19.59 2.70 -10.63
N THR A 81 18.33 3.12 -10.93
CA THR A 81 17.26 3.27 -9.97
C THR A 81 16.00 2.99 -10.76
N PRO A 82 14.90 2.52 -10.20
CA PRO A 82 13.67 2.32 -10.95
C PRO A 82 12.75 3.47 -10.62
N ARG A 83 13.28 4.69 -10.36
CA ARG A 83 12.51 5.77 -9.79
C ARG A 83 12.53 7.00 -10.66
N GLN A 84 13.08 6.92 -11.90
CA GLN A 84 13.05 8.04 -12.83
C GLN A 84 11.74 8.09 -13.55
N ALA A 85 11.10 6.91 -13.74
CA ALA A 85 9.94 6.74 -14.58
C ALA A 85 8.80 6.30 -13.70
N ALA A 86 7.63 6.95 -13.90
CA ALA A 86 6.47 6.87 -13.04
C ALA A 86 5.83 5.53 -12.91
N GLN A 87 5.62 4.81 -14.04
CA GLN A 87 4.80 3.63 -14.08
C GLN A 87 5.33 2.44 -13.33
N LEU A 88 6.64 2.12 -13.47
CA LEU A 88 7.29 1.03 -12.76
C LEU A 88 7.38 1.34 -11.29
N ARG A 89 7.70 2.61 -10.97
CA ARG A 89 7.90 3.10 -9.64
C ARG A 89 6.67 2.95 -8.80
N ARG A 90 5.49 3.29 -9.36
CA ARG A 90 4.22 3.19 -8.67
C ARG A 90 3.87 1.78 -8.29
N LYS A 91 4.10 0.80 -9.19
CA LYS A 91 3.84 -0.60 -8.98
C LYS A 91 4.64 -1.21 -7.85
N LEU A 92 5.93 -0.81 -7.70
CA LEU A 92 6.81 -1.32 -6.67
C LEU A 92 6.48 -0.74 -5.33
N GLU A 93 5.80 0.43 -5.31
CA GLU A 93 5.45 1.16 -4.12
C GLU A 93 4.04 0.85 -3.70
N PHE A 94 3.58 -0.38 -4.02
CA PHE A 94 2.47 -1.02 -3.36
C PHE A 94 3.02 -1.83 -2.21
N PHE A 95 4.35 -1.78 -1.97
CA PHE A 95 5.03 -2.63 -1.03
C PHE A 95 6.10 -1.80 -0.43
N THR A 96 6.55 -2.19 0.78
CA THR A 96 7.54 -1.46 1.54
C THR A 96 8.88 -2.08 1.25
N TYR A 97 8.93 -3.43 1.14
CA TYR A 97 10.16 -4.17 0.99
C TYR A 97 9.93 -5.10 -0.14
N VAL A 98 10.90 -5.20 -1.08
CA VAL A 98 10.81 -6.06 -2.24
C VAL A 98 12.17 -6.66 -2.41
N ARG A 99 12.23 -7.81 -3.08
CA ARG A 99 13.44 -8.54 -3.29
C ARG A 99 13.26 -9.20 -4.61
N PHE A 100 14.20 -9.00 -5.56
CA PHE A 100 14.06 -9.51 -6.91
C PHE A 100 15.39 -9.51 -7.58
N ASP A 101 15.46 -10.18 -8.75
CA ASP A 101 16.58 -10.22 -9.65
C ASP A 101 16.15 -9.43 -10.84
N LEU A 102 17.06 -8.61 -11.40
CA LEU A 102 16.79 -7.85 -12.59
C LEU A 102 17.17 -8.64 -13.80
N GLU A 103 16.61 -8.20 -14.94
CA GLU A 103 17.03 -8.59 -16.24
C GLU A 103 17.05 -7.27 -16.95
N LEU A 104 18.22 -6.83 -17.44
CA LEU A 104 18.36 -5.59 -18.17
C LEU A 104 18.28 -5.95 -19.61
N THR A 105 17.65 -5.09 -20.44
CA THR A 105 17.53 -5.28 -21.86
C THR A 105 17.73 -3.89 -22.38
N PHE A 106 18.46 -3.71 -23.49
CA PHE A 106 18.85 -2.41 -23.98
C PHE A 106 18.39 -2.31 -25.38
N VAL A 107 17.72 -1.20 -25.74
CA VAL A 107 17.27 -0.95 -27.09
C VAL A 107 18.07 0.24 -27.48
N ILE A 108 19.01 0.06 -28.45
CA ILE A 108 19.97 1.05 -28.84
C ILE A 108 19.67 1.32 -30.27
N THR A 109 19.53 2.62 -30.60
CA THR A 109 19.13 3.08 -31.89
C THR A 109 20.07 4.21 -32.20
N SER A 110 20.14 4.63 -33.47
CA SER A 110 21.05 5.65 -33.93
C SER A 110 20.30 6.43 -34.96
N THR A 111 20.61 7.73 -35.06
CA THR A 111 19.92 8.64 -35.93
C THR A 111 20.99 9.54 -36.47
N GLN A 112 21.01 9.74 -37.81
CA GLN A 112 21.87 10.67 -38.52
C GLN A 112 21.47 12.07 -38.14
N GLN A 113 22.46 12.96 -37.89
CA GLN A 113 22.25 14.30 -37.44
C GLN A 113 22.54 15.21 -38.60
N PRO A 114 21.81 16.31 -38.80
CA PRO A 114 22.00 17.24 -39.90
C PRO A 114 23.37 17.86 -39.90
N SER A 115 24.00 17.95 -41.08
CA SER A 115 25.33 18.49 -41.24
C SER A 115 25.48 18.82 -42.69
N THR A 116 26.61 19.46 -43.05
CA THR A 116 26.94 19.86 -44.40
C THR A 116 28.10 19.02 -44.88
N THR A 117 28.38 17.87 -44.21
CA THR A 117 29.41 16.93 -44.59
C THR A 117 29.03 16.27 -45.89
N GLN A 118 29.95 16.32 -46.88
CA GLN A 118 29.74 15.74 -48.18
C GLN A 118 30.35 14.37 -48.16
N ASN A 119 29.61 13.38 -48.68
CA ASN A 119 30.07 12.03 -48.91
C ASN A 119 30.24 11.26 -47.63
N GLN A 120 29.21 11.32 -46.77
CA GLN A 120 29.03 10.46 -45.62
C GLN A 120 28.82 9.04 -46.07
N ASP A 121 29.24 8.06 -45.24
CA ASP A 121 29.23 6.67 -45.61
C ASP A 121 29.60 5.95 -44.35
N ALA A 122 28.59 5.73 -43.48
CA ALA A 122 28.74 5.05 -42.22
C ALA A 122 29.11 3.60 -42.38
N GLN A 123 29.97 3.12 -41.45
CA GLN A 123 30.23 1.72 -41.22
C GLN A 123 29.28 1.37 -40.11
N ILE A 124 29.06 0.05 -39.86
CA ILE A 124 28.22 -0.41 -38.76
C ILE A 124 28.77 0.04 -37.43
N LEU A 125 27.87 0.43 -36.51
CA LEU A 125 28.26 0.93 -35.22
C LEU A 125 28.28 -0.22 -34.28
N THR A 126 29.24 -0.17 -33.33
CA THR A 126 29.39 -1.12 -32.28
C THR A 126 29.36 -0.24 -31.08
N HIS A 127 28.65 -0.68 -30.02
CA HIS A 127 28.42 0.08 -28.83
C HIS A 127 28.92 -0.77 -27.70
N GLN A 128 29.42 -0.13 -26.63
CA GLN A 128 29.86 -0.81 -25.44
C GLN A 128 29.08 -0.22 -24.32
N ILE A 129 28.49 -1.08 -23.46
CA ILE A 129 27.76 -0.68 -22.29
C ILE A 129 28.52 -1.35 -21.19
N MET A 130 28.90 -0.60 -20.14
CA MET A 130 29.77 -1.05 -19.09
C MET A 130 29.09 -0.80 -17.79
N TYR A 131 28.92 -1.86 -16.99
CA TYR A 131 28.35 -1.80 -15.67
C TYR A 131 29.50 -1.69 -14.71
N VAL A 132 29.46 -0.70 -13.79
CA VAL A 132 30.49 -0.46 -12.82
C VAL A 132 29.84 -0.63 -11.47
N PRO A 133 30.11 -1.66 -10.67
CA PRO A 133 29.65 -1.81 -9.29
C PRO A 133 30.00 -0.62 -8.42
N PRO A 134 29.31 -0.25 -7.35
CA PRO A 134 29.66 0.85 -6.46
C PRO A 134 31.13 0.94 -6.09
N GLY A 135 31.72 2.17 -6.10
CA GLY A 135 33.15 2.36 -5.98
C GLY A 135 33.88 1.98 -7.25
N GLY A 136 35.21 2.21 -7.26
CA GLY A 136 36.08 1.92 -8.38
C GLY A 136 36.05 3.00 -9.44
N PRO A 137 37.01 2.99 -10.38
CA PRO A 137 37.19 3.99 -11.42
C PRO A 137 35.98 4.28 -12.25
N VAL A 138 35.82 5.55 -12.65
CA VAL A 138 34.72 6.05 -13.44
C VAL A 138 35.38 6.62 -14.67
N PRO A 139 34.99 6.31 -15.92
CA PRO A 139 35.51 6.97 -17.11
C PRO A 139 35.20 8.44 -17.11
N ASP A 140 36.19 9.28 -17.47
CA ASP A 140 36.09 10.72 -17.48
C ASP A 140 36.19 11.19 -18.91
N LYS A 141 36.40 10.26 -19.86
CA LYS A 141 36.44 10.56 -21.26
C LYS A 141 36.26 9.26 -21.98
N VAL A 142 35.84 9.33 -23.27
CA VAL A 142 35.95 8.24 -24.19
C VAL A 142 37.40 8.11 -24.53
N ASP A 143 37.95 6.89 -24.32
CA ASP A 143 39.36 6.59 -24.43
C ASP A 143 40.02 6.93 -23.14
N SER A 144 39.57 6.26 -22.05
CA SER A 144 40.26 6.20 -20.78
C SER A 144 40.57 4.75 -20.62
N TYR A 145 41.25 4.38 -19.52
CA TYR A 145 41.76 3.05 -19.30
C TYR A 145 40.71 2.24 -18.58
N VAL A 146 39.55 2.85 -18.24
CA VAL A 146 38.51 2.26 -17.45
C VAL A 146 37.68 1.40 -18.34
N TRP A 147 37.76 1.59 -19.68
CA TRP A 147 36.96 0.87 -20.64
C TRP A 147 37.65 -0.39 -21.06
N GLN A 148 38.79 -0.75 -20.41
CA GLN A 148 39.45 -2.02 -20.52
C GLN A 148 38.59 -3.16 -20.07
N THR A 149 37.78 -2.96 -19.00
CA THR A 149 36.81 -3.90 -18.47
C THR A 149 37.44 -5.19 -18.05
N SER A 150 38.45 -5.10 -17.16
CA SER A 150 39.18 -6.24 -16.71
C SER A 150 38.40 -7.01 -15.69
N THR A 151 37.40 -6.36 -15.05
CA THR A 151 36.75 -6.95 -13.92
C THR A 151 35.39 -6.28 -13.75
N ASN A 152 35.02 -5.35 -14.65
CA ASN A 152 33.70 -4.75 -14.70
C ASN A 152 32.92 -5.52 -15.74
N PRO A 153 31.71 -6.02 -15.52
CA PRO A 153 30.84 -6.58 -16.57
C PRO A 153 30.58 -5.63 -17.71
N SER A 154 30.53 -6.12 -18.95
CA SER A 154 30.43 -5.26 -20.10
C SER A 154 29.85 -6.10 -21.19
N VAL A 155 29.15 -5.46 -22.15
CA VAL A 155 28.62 -6.12 -23.33
C VAL A 155 28.98 -5.22 -24.48
N PHE A 156 29.09 -5.82 -25.69
CA PHE A 156 29.36 -5.15 -26.93
C PHE A 156 28.24 -5.56 -27.84
N TRP A 157 27.72 -4.63 -28.66
CA TRP A 157 26.58 -4.91 -29.48
C TRP A 157 26.75 -4.18 -30.77
N THR A 158 26.63 -4.91 -31.91
CA THR A 158 26.68 -4.37 -33.24
C THR A 158 25.24 -4.21 -33.66
N GLU A 159 24.94 -3.13 -34.42
CA GLU A 159 23.62 -2.81 -34.89
C GLU A 159 23.00 -3.84 -35.80
N GLY A 160 21.66 -4.01 -35.65
CA GLY A 160 20.86 -4.86 -36.49
C GLY A 160 20.79 -6.25 -35.98
N ASN A 161 21.04 -6.45 -34.68
CA ASN A 161 20.98 -7.74 -34.02
C ASN A 161 19.92 -7.61 -32.97
N ALA A 162 19.65 -8.70 -32.22
CA ALA A 162 18.74 -8.73 -31.11
C ALA A 162 19.23 -7.83 -30.00
N PRO A 163 18.40 -7.06 -29.27
CA PRO A 163 18.75 -6.37 -28.04
C PRO A 163 19.64 -7.15 -27.09
N PRO A 164 20.72 -6.68 -26.48
CA PRO A 164 21.44 -7.39 -25.42
C PRO A 164 20.58 -7.63 -24.20
N ARG A 165 20.80 -8.71 -23.44
CA ARG A 165 20.27 -8.78 -22.10
C ARG A 165 21.18 -9.55 -21.23
N MET A 166 21.08 -9.28 -19.92
CA MET A 166 21.91 -9.86 -18.90
C MET A 166 21.05 -9.93 -17.68
N SER A 167 21.29 -10.90 -16.79
CA SER A 167 20.62 -11.01 -15.52
C SER A 167 21.53 -10.44 -14.47
N ILE A 168 20.94 -9.84 -13.43
CA ILE A 168 21.64 -9.27 -12.31
C ILE A 168 21.07 -10.03 -11.14
N PRO A 169 21.83 -10.57 -10.19
CA PRO A 169 21.34 -11.05 -8.91
C PRO A 169 20.63 -10.01 -8.07
N PHE A 170 20.20 -10.38 -6.85
CA PHE A 170 19.74 -9.48 -5.84
C PHE A 170 20.96 -8.93 -5.14
N LEU A 171 21.22 -7.60 -5.25
CA LEU A 171 22.50 -7.03 -4.90
C LEU A 171 22.51 -6.30 -3.59
N SER A 172 21.40 -6.28 -2.81
CA SER A 172 21.30 -5.54 -1.57
C SER A 172 22.23 -6.08 -0.51
N ILE A 173 22.71 -5.20 0.40
CA ILE A 173 23.42 -5.58 1.60
C ILE A 173 22.43 -5.96 2.68
N GLY A 174 21.16 -5.51 2.55
CA GLY A 174 20.07 -5.84 3.43
C GLY A 174 19.45 -7.11 2.95
N ASN A 175 18.35 -7.53 3.59
CA ASN A 175 17.68 -8.76 3.27
C ASN A 175 16.54 -8.49 2.34
N ALA A 176 16.26 -7.21 2.04
CA ALA A 176 15.33 -6.81 1.03
C ALA A 176 15.69 -5.40 0.70
N TYR A 177 15.38 -4.94 -0.53
CA TYR A 177 15.38 -3.54 -0.93
C TYR A 177 14.27 -2.86 -0.19
N SER A 178 14.42 -1.56 0.12
CA SER A 178 13.39 -0.80 0.78
C SER A 178 13.00 0.28 -0.17
N ASN A 179 11.68 0.56 -0.30
CA ASN A 179 11.16 1.54 -1.20
C ASN A 179 10.90 2.81 -0.44
N PHE A 180 11.02 2.76 0.90
CA PHE A 180 10.72 3.87 1.79
C PHE A 180 11.73 3.77 2.89
N TYR A 181 12.22 4.92 3.38
CA TYR A 181 13.17 4.95 4.46
C TYR A 181 12.81 6.17 5.23
N ASP A 182 12.51 6.00 6.53
CA ASP A 182 12.03 7.04 7.39
C ASP A 182 13.17 7.33 8.33
N GLY A 183 14.27 7.89 7.80
CA GLY A 183 15.39 8.15 8.63
C GLY A 183 16.41 8.89 7.85
N TRP A 184 17.58 9.12 8.50
CA TRP A 184 18.73 9.77 7.97
C TRP A 184 19.82 8.76 8.05
N SER A 185 20.86 8.87 7.19
CA SER A 185 22.01 8.01 7.24
C SER A 185 23.00 8.47 8.27
N GLU A 186 22.93 9.77 8.68
CA GLU A 186 23.80 10.35 9.65
C GLU A 186 23.20 10.17 11.01
N PHE A 187 24.05 10.06 12.04
CA PHE A 187 23.65 9.84 13.42
C PHE A 187 23.19 11.11 14.06
N SER A 188 23.56 12.26 13.47
CA SER A 188 23.17 13.57 13.95
C SER A 188 21.75 13.91 13.55
N ARG A 189 21.21 13.21 12.52
CA ARG A 189 19.92 13.44 11.92
C ARG A 189 19.92 14.74 11.19
N ASN A 190 21.01 15.00 10.45
CA ASN A 190 21.19 16.17 9.63
C ASN A 190 21.43 15.62 8.26
N GLY A 191 21.47 16.51 7.25
CA GLY A 191 21.68 16.13 5.87
C GLY A 191 20.40 15.65 5.28
N VAL A 192 20.51 15.00 4.11
CA VAL A 192 19.42 14.45 3.34
C VAL A 192 18.70 13.35 4.09
N TYR A 193 17.38 13.29 3.87
CA TYR A 193 16.45 12.46 4.59
C TYR A 193 15.85 11.52 3.60
N GLY A 194 15.83 10.21 3.95
CA GLY A 194 15.25 9.17 3.16
C GLY A 194 16.28 8.55 2.27
N ILE A 195 17.59 8.77 2.57
CA ILE A 195 18.69 8.32 1.76
C ILE A 195 19.35 7.22 2.53
N ASN A 196 19.64 6.12 1.81
CA ASN A 196 19.99 4.85 2.37
C ASN A 196 20.84 4.22 1.30
N THR A 197 21.64 3.19 1.65
CA THR A 197 22.56 2.55 0.74
C THR A 197 22.16 1.12 0.53
N LEU A 198 20.91 0.74 0.87
CA LEU A 198 20.41 -0.58 0.62
C LEU A 198 20.07 -0.79 -0.84
N ASN A 199 19.88 0.30 -1.62
CA ASN A 199 19.37 0.21 -2.96
C ASN A 199 20.44 0.54 -3.97
N ASN A 200 21.73 0.66 -3.55
CA ASN A 200 22.83 0.83 -4.48
C ASN A 200 22.99 -0.36 -5.36
N MET A 201 23.27 -0.09 -6.65
CA MET A 201 23.47 -1.11 -7.63
C MET A 201 24.10 -0.47 -8.82
N GLY A 202 25.22 0.25 -8.56
CA GLY A 202 26.15 0.77 -9.52
C GLY A 202 25.62 1.76 -10.50
N THR A 203 26.43 1.99 -11.56
CA THR A 203 26.26 3.04 -12.54
C THR A 203 26.50 2.32 -13.83
N LEU A 204 25.94 2.85 -14.93
CA LEU A 204 25.96 2.26 -16.23
C LEU A 204 26.58 3.29 -17.12
N TYR A 205 27.46 2.88 -18.06
CA TYR A 205 28.14 3.79 -18.96
C TYR A 205 27.92 3.25 -20.33
N ALA A 206 27.84 4.10 -21.38
CA ALA A 206 27.59 3.65 -22.72
C ALA A 206 28.29 4.56 -23.66
N ARG A 207 28.90 4.03 -24.74
CA ARG A 207 29.63 4.82 -25.69
C ARG A 207 29.60 4.11 -27.01
N HIS A 208 30.11 4.79 -28.06
CA HIS A 208 30.42 4.19 -29.33
C HIS A 208 31.83 3.70 -29.27
N VAL A 209 32.11 2.58 -29.95
CA VAL A 209 33.41 1.96 -29.94
C VAL A 209 34.12 2.38 -31.20
N ASN A 210 33.38 2.97 -32.16
CA ASN A 210 33.95 3.51 -33.36
C ASN A 210 33.02 4.60 -33.79
N ALA A 211 33.56 5.62 -34.49
CA ALA A 211 32.77 6.55 -35.25
C ALA A 211 32.85 6.03 -36.63
N GLY A 212 31.72 5.47 -37.15
CA GLY A 212 31.72 4.77 -38.42
C GLY A 212 31.77 5.73 -39.57
N SER A 213 31.12 6.90 -39.41
CA SER A 213 30.86 7.83 -40.47
C SER A 213 31.80 8.98 -40.28
N THR A 214 31.94 9.82 -41.33
CA THR A 214 32.60 11.10 -41.24
C THR A 214 31.66 12.15 -40.69
N GLY A 215 30.33 11.92 -40.78
CA GLY A 215 29.33 12.84 -40.29
C GLY A 215 28.90 12.45 -38.90
N PRO A 216 28.05 13.24 -38.26
CA PRO A 216 27.67 13.02 -36.87
C PRO A 216 26.47 12.12 -36.77
N ILE A 217 26.51 11.15 -35.83
CA ILE A 217 25.48 10.19 -35.53
C ILE A 217 25.27 10.35 -34.05
N LYS A 218 24.00 10.34 -33.60
CA LYS A 218 23.63 10.42 -32.19
C LYS A 218 22.86 9.18 -31.90
N SER A 219 23.18 8.46 -30.81
CA SER A 219 22.52 7.24 -30.40
C SER A 219 21.71 7.51 -29.18
N THR A 220 20.70 6.65 -28.94
CA THR A 220 19.82 6.71 -27.80
C THR A 220 19.77 5.30 -27.30
N ILE A 221 20.02 5.10 -25.99
CA ILE A 221 19.94 3.82 -25.34
C ILE A 221 18.78 3.90 -24.39
N ARG A 222 17.90 2.88 -24.36
CA ARG A 222 16.75 2.83 -23.49
C ARG A 222 16.96 1.61 -22.65
N ILE A 223 16.75 1.72 -21.32
CA ILE A 223 17.01 0.65 -20.39
C ILE A 223 15.67 0.16 -19.94
N TYR A 224 15.50 -1.18 -19.90
CA TYR A 224 14.30 -1.87 -19.49
C TYR A 224 14.64 -2.72 -18.31
N PHE A 225 13.82 -2.67 -17.25
CA PHE A 225 13.98 -3.48 -16.06
C PHE A 225 12.85 -4.46 -16.09
N LYS A 226 13.13 -5.74 -15.78
CA LYS A 226 12.11 -6.73 -15.59
C LYS A 226 12.45 -7.41 -14.29
N PRO A 227 11.77 -7.16 -13.17
CA PRO A 227 11.83 -7.98 -11.97
C PRO A 227 11.52 -9.42 -12.21
N LYS A 228 12.17 -10.35 -11.51
CA LYS A 228 11.79 -11.74 -11.55
C LYS A 228 12.28 -12.37 -10.29
N HIS A 229 11.58 -13.44 -9.85
CA HIS A 229 11.83 -14.20 -8.65
C HIS A 229 11.48 -13.36 -7.45
N VAL A 230 10.32 -12.67 -7.52
CA VAL A 230 9.96 -11.57 -6.66
C VAL A 230 9.40 -12.10 -5.35
N LYS A 231 9.61 -11.35 -4.25
CA LYS A 231 8.99 -11.55 -2.97
C LYS A 231 8.78 -10.17 -2.44
N ALA A 232 7.66 -9.93 -1.73
CA ALA A 232 7.27 -8.60 -1.35
C ALA A 232 6.59 -8.68 -0.02
N TRP A 233 6.75 -7.65 0.83
CA TRP A 233 6.28 -7.66 2.20
C TRP A 233 5.76 -6.31 2.52
N ILE A 234 4.60 -6.28 3.22
CA ILE A 234 3.98 -5.16 3.87
C ILE A 234 3.34 -4.25 2.84
N PRO A 235 2.06 -4.29 2.56
CA PRO A 235 1.51 -3.56 1.44
C PRO A 235 1.13 -2.17 1.92
N ARG A 236 1.01 -1.20 1.00
CA ARG A 236 0.88 0.19 1.31
C ARG A 236 -0.20 0.74 0.44
N PRO A 237 -0.85 1.86 0.76
CA PRO A 237 -1.80 2.51 -0.11
C PRO A 237 -1.12 3.00 -1.37
N PRO A 238 -1.69 2.89 -2.57
CA PRO A 238 -1.13 3.48 -3.79
C PRO A 238 -0.92 4.96 -3.70
N ARG A 239 0.05 5.47 -4.47
CA ARG A 239 0.35 6.86 -4.63
C ARG A 239 -0.82 7.58 -5.25
N LEU A 240 -1.23 8.73 -4.67
CA LEU A 240 -2.40 9.46 -5.09
C LEU A 240 -1.97 10.69 -5.84
N CYS A 241 -0.73 11.15 -5.61
CA CYS A 241 -0.24 12.41 -6.12
C CYS A 241 0.75 12.11 -7.20
N GLN A 242 1.10 13.11 -8.02
CA GLN A 242 2.10 12.94 -9.03
C GLN A 242 3.43 13.08 -8.35
N TYR A 243 4.45 12.34 -8.83
CA TYR A 243 5.80 12.40 -8.31
C TYR A 243 6.45 13.66 -8.80
N GLU A 244 7.43 14.17 -8.03
CA GLU A 244 8.06 15.44 -8.30
C GLU A 244 9.52 15.19 -8.52
N LYS A 245 10.14 14.35 -7.65
CA LYS A 245 11.56 14.16 -7.60
C LYS A 245 11.76 12.68 -7.46
N ALA A 246 12.99 12.20 -7.74
CA ALA A 246 13.28 10.79 -7.80
C ALA A 246 13.89 10.31 -6.51
N LYS A 247 14.20 11.24 -5.57
CA LYS A 247 14.88 10.88 -4.34
C LYS A 247 14.01 11.20 -3.17
N ASN A 248 12.83 11.80 -3.40
CA ASN A 248 11.98 12.32 -2.36
C ASN A 248 10.62 11.75 -2.62
N VAL A 249 9.75 11.86 -1.59
CA VAL A 249 8.39 11.41 -1.60
C VAL A 249 7.51 12.65 -1.71
N ASN A 250 8.11 13.83 -2.01
CA ASN A 250 7.46 15.12 -2.03
C ASN A 250 6.33 15.20 -3.02
N PHE A 251 5.27 15.96 -2.68
CA PHE A 251 4.04 15.94 -3.43
C PHE A 251 3.36 17.27 -3.30
N GLN A 252 2.45 17.55 -4.25
CA GLN A 252 1.52 18.65 -4.24
C GLN A 252 0.22 18.09 -3.70
N PRO A 253 -0.45 18.67 -2.69
CA PRO A 253 -1.71 18.15 -2.15
C PRO A 253 -2.79 17.98 -3.19
N SER A 254 -3.38 16.77 -3.26
CA SER A 254 -4.35 16.41 -4.26
C SER A 254 -5.58 16.00 -3.54
N GLY A 255 -6.76 16.35 -4.12
CA GLY A 255 -8.05 15.88 -3.66
C GLY A 255 -8.15 14.39 -3.69
N VAL A 256 -9.04 13.84 -2.83
CA VAL A 256 -9.28 12.44 -2.62
C VAL A 256 -9.75 11.75 -3.89
N THR A 257 -10.71 12.37 -4.61
CA THR A 257 -11.39 11.79 -5.74
C THR A 257 -11.79 12.95 -6.61
N THR A 258 -12.34 12.65 -7.80
CA THR A 258 -12.96 13.60 -8.68
C THR A 258 -14.37 13.83 -8.21
N THR A 259 -15.00 14.95 -8.63
CA THR A 259 -16.26 15.40 -8.11
C THR A 259 -17.42 14.79 -8.88
N ARG A 260 -18.64 15.05 -8.38
CA ARG A 260 -19.87 14.71 -9.05
C ARG A 260 -20.87 15.68 -8.49
N GLN A 261 -22.06 15.78 -9.13
CA GLN A 261 -23.09 16.77 -8.87
C GLN A 261 -23.72 16.73 -7.50
N SER A 262 -24.02 15.52 -6.98
CA SER A 262 -24.81 15.35 -5.78
C SER A 262 -24.34 14.07 -5.19
N ILE A 263 -24.88 13.66 -4.02
CA ILE A 263 -24.55 12.39 -3.43
C ILE A 263 -25.56 11.35 -3.85
N THR A 264 -26.44 11.66 -4.83
CA THR A 264 -27.46 10.75 -5.32
C THR A 264 -27.36 10.62 -6.82
N THR A 265 -26.37 11.28 -7.47
CA THR A 265 -26.24 11.32 -8.91
C THR A 265 -25.51 10.09 -9.38
N MET A 266 -25.80 9.59 -10.60
CA MET A 266 -25.30 8.32 -11.07
C MET A 266 -24.30 8.50 -12.18
N THR A 267 -23.69 9.69 -12.30
CA THR A 267 -22.73 10.00 -13.34
C THR A 267 -21.56 10.70 -12.69
N ASN A 268 -20.41 10.72 -13.41
CA ASN A 268 -19.20 11.39 -12.98
C ASN A 268 -19.18 12.74 -13.63
N THR A 269 -18.42 13.70 -13.04
CA THR A 269 -17.99 14.89 -13.74
C THR A 269 -16.46 14.95 -13.56
N SER B 1 -16.85 -9.19 29.80
CA SER B 1 -17.03 -10.46 29.03
C SER B 1 -16.08 -10.51 27.89
N ASP B 2 -16.44 -9.85 26.75
CA ASP B 2 -15.57 -9.74 25.60
C ASP B 2 -15.03 -8.34 25.58
N ARG B 3 -15.54 -7.47 26.48
CA ARG B 3 -15.26 -6.06 26.45
C ARG B 3 -14.28 -5.72 27.52
N ALA B 4 -13.99 -6.67 28.44
CA ALA B 4 -13.05 -6.48 29.51
C ALA B 4 -11.76 -7.05 29.05
N ARG B 5 -10.64 -6.40 29.41
CA ARG B 5 -9.33 -6.80 28.95
C ARG B 5 -8.40 -6.35 30.02
N SER B 6 -7.26 -7.05 30.20
CA SER B 6 -6.24 -6.61 31.11
C SER B 6 -4.95 -7.04 30.45
N ILE B 7 -3.92 -6.18 30.50
CA ILE B 7 -2.64 -6.43 29.88
C ILE B 7 -1.66 -6.08 30.96
N THR B 8 -0.72 -6.99 31.27
CA THR B 8 0.25 -6.80 32.32
C THR B 8 1.58 -6.94 31.65
N LEU B 9 2.43 -5.90 31.79
CA LEU B 9 3.78 -5.90 31.32
C LEU B 9 4.54 -5.20 32.40
N GLY B 10 5.56 -5.85 33.00
CA GLY B 10 6.36 -5.34 34.10
C GLY B 10 5.51 -4.90 35.25
N ASN B 11 5.81 -3.71 35.81
CA ASN B 11 5.05 -3.06 36.85
C ASN B 11 3.63 -2.75 36.42
N SER B 12 3.49 -2.24 35.19
CA SER B 12 2.29 -1.72 34.61
C SER B 12 1.18 -2.71 34.41
N THR B 13 -0.08 -2.22 34.48
CA THR B 13 -1.27 -2.97 34.16
C THR B 13 -2.20 -1.94 33.58
N ILE B 14 -2.93 -2.31 32.51
CA ILE B 14 -3.92 -1.51 31.84
C ILE B 14 -5.17 -2.33 31.99
N THR B 15 -6.33 -1.69 32.19
CA THR B 15 -7.61 -2.36 32.31
C THR B 15 -8.58 -1.49 31.56
N THR B 16 -9.46 -2.10 30.73
CA THR B 16 -10.48 -1.38 29.99
C THR B 16 -11.78 -2.10 30.19
N GLN B 17 -12.92 -1.36 30.10
CA GLN B 17 -14.24 -1.90 30.25
C GLN B 17 -14.88 -2.00 28.90
N GLU B 18 -14.33 -1.32 27.87
CA GLU B 18 -14.88 -1.32 26.54
C GLU B 18 -13.70 -1.53 25.64
N CYS B 19 -13.76 -2.59 24.82
CA CYS B 19 -12.59 -3.06 24.14
C CYS B 19 -13.11 -3.67 22.87
N ALA B 20 -12.31 -3.57 21.79
CA ALA B 20 -12.67 -3.97 20.46
C ALA B 20 -11.81 -5.14 20.05
N ASN B 21 -11.34 -5.96 21.03
CA ASN B 21 -10.30 -6.94 20.91
C ASN B 21 -8.98 -6.25 20.85
N VAL B 22 -7.92 -7.02 20.54
CA VAL B 22 -6.58 -6.57 20.37
C VAL B 22 -6.28 -6.97 18.96
N VAL B 23 -5.70 -6.05 18.15
CA VAL B 23 -5.21 -6.36 16.84
C VAL B 23 -3.78 -6.74 17.05
N VAL B 24 -3.33 -7.81 16.37
CA VAL B 24 -1.96 -8.24 16.42
C VAL B 24 -1.47 -8.16 15.01
N GLY B 25 -0.61 -7.15 14.73
CA GLY B 25 0.28 -7.02 13.61
C GLY B 25 -0.21 -7.56 12.30
N TYR B 26 0.61 -8.45 11.72
CA TYR B 26 0.32 -9.17 10.51
C TYR B 26 0.19 -10.62 10.89
N GLY B 27 -0.34 -10.88 12.11
CA GLY B 27 -0.54 -12.19 12.66
C GLY B 27 0.72 -12.73 13.23
N VAL B 28 1.65 -11.84 13.64
CA VAL B 28 2.95 -12.19 14.13
C VAL B 28 3.02 -11.47 15.45
N TRP B 29 3.40 -12.22 16.50
CA TRP B 29 3.50 -11.73 17.85
C TRP B 29 4.98 -11.48 18.04
N PRO B 30 5.45 -10.39 18.69
CA PRO B 30 6.84 -10.15 19.08
C PRO B 30 7.61 -11.33 19.62
N ASP B 31 8.88 -11.48 19.19
CA ASP B 31 9.74 -12.55 19.63
C ASP B 31 11.13 -11.99 19.61
N TYR B 32 12.05 -12.62 20.34
CA TYR B 32 13.47 -12.39 20.29
C TYR B 32 14.06 -12.89 18.99
N LEU B 33 15.18 -12.26 18.56
CA LEU B 33 15.93 -12.60 17.38
C LEU B 33 16.51 -13.98 17.51
N LYS B 34 16.45 -14.76 16.41
CA LYS B 34 16.93 -16.12 16.36
C LYS B 34 18.41 -16.07 16.06
N ASP B 35 19.10 -17.23 16.17
CA ASP B 35 20.53 -17.30 15.96
C ASP B 35 20.81 -17.72 14.54
N SER B 36 19.75 -17.85 13.72
CA SER B 36 19.83 -18.24 12.34
C SER B 36 19.37 -17.09 11.48
N GLU B 37 19.20 -15.89 12.09
CA GLU B 37 18.78 -14.70 11.42
C GLU B 37 19.65 -13.57 11.88
N ALA B 38 20.34 -13.73 13.04
CA ALA B 38 21.29 -12.81 13.61
C ALA B 38 22.50 -12.64 12.75
N THR B 39 23.13 -11.45 12.80
CA THR B 39 24.35 -11.14 12.11
C THR B 39 25.40 -10.78 13.12
N ALA B 40 25.07 -9.88 14.09
CA ALA B 40 25.97 -9.39 15.11
C ALA B 40 26.37 -10.49 16.07
N GLU B 41 27.67 -10.50 16.47
CA GLU B 41 28.28 -11.66 17.08
C GLU B 41 28.46 -11.49 18.56
N ASP B 42 28.11 -10.31 19.12
CA ASP B 42 28.20 -10.06 20.54
C ASP B 42 26.97 -10.66 21.17
N GLN B 43 27.03 -10.85 22.50
CA GLN B 43 25.94 -11.29 23.33
C GLN B 43 24.98 -10.11 23.48
N PRO B 44 23.69 -10.20 23.16
CA PRO B 44 22.69 -9.18 23.46
C PRO B 44 22.53 -8.83 24.91
N THR B 45 22.04 -7.61 25.17
CA THR B 45 21.52 -7.15 26.44
C THR B 45 20.04 -7.31 26.28
N GLN B 46 19.35 -7.87 27.28
CA GLN B 46 17.92 -8.02 27.25
C GLN B 46 17.47 -7.58 28.61
N PRO B 47 17.02 -6.33 28.83
CA PRO B 47 16.79 -5.80 30.17
C PRO B 47 15.54 -6.38 30.78
N ASP B 48 14.56 -6.73 29.93
CA ASP B 48 13.34 -7.40 30.28
C ASP B 48 12.35 -6.42 30.84
N VAL B 49 12.17 -6.37 32.19
CA VAL B 49 11.03 -5.71 32.81
C VAL B 49 11.35 -4.29 33.15
N ALA B 50 12.54 -3.80 32.72
CA ALA B 50 12.97 -2.46 32.95
C ALA B 50 12.78 -1.65 31.70
N THR B 51 12.46 -2.31 30.56
CA THR B 51 12.26 -1.64 29.30
C THR B 51 10.87 -1.95 28.84
N CYS B 52 10.41 -3.20 29.02
CA CYS B 52 9.16 -3.69 28.50
C CYS B 52 8.10 -3.48 29.53
N ARG B 53 7.52 -2.27 29.54
CA ARG B 53 6.41 -1.89 30.37
C ARG B 53 5.87 -0.63 29.79
N PHE B 54 4.58 -0.35 30.06
CA PHE B 54 3.85 0.78 29.56
C PHE B 54 4.39 2.11 30.00
N TYR B 55 4.45 3.08 29.07
CA TYR B 55 4.89 4.44 29.30
C TYR B 55 3.79 5.30 28.76
N THR B 56 3.23 6.22 29.56
CA THR B 56 2.24 7.16 29.08
C THR B 56 2.93 8.37 28.53
N LEU B 57 2.48 8.83 27.35
CA LEU B 57 2.95 10.03 26.71
C LEU B 57 1.98 11.11 27.12
N ASP B 58 2.30 12.38 26.76
CA ASP B 58 1.46 13.53 26.99
C ASP B 58 0.14 13.42 26.28
N SER B 59 -0.94 13.92 26.93
CA SER B 59 -2.27 13.92 26.37
C SER B 59 -2.42 15.11 25.47
N VAL B 60 -3.40 15.04 24.55
CA VAL B 60 -3.64 16.10 23.62
C VAL B 60 -5.13 16.18 23.48
N GLN B 61 -5.68 17.41 23.52
CA GLN B 61 -7.09 17.71 23.45
C GLN B 61 -7.65 17.39 22.10
N TRP B 62 -8.85 16.76 22.05
CA TRP B 62 -9.63 16.57 20.86
C TRP B 62 -10.66 17.66 20.89
N GLN B 63 -10.67 18.49 19.84
CA GLN B 63 -11.51 19.63 19.70
C GLN B 63 -12.39 19.36 18.54
N LYS B 64 -13.47 20.15 18.36
CA LYS B 64 -14.40 19.99 17.27
C LYS B 64 -13.75 20.11 15.92
N THR B 65 -12.76 21.02 15.80
CA THR B 65 -11.85 21.05 14.68
C THR B 65 -10.54 20.61 15.24
N SER B 66 -10.10 19.40 14.85
CA SER B 66 -8.78 18.91 15.12
C SER B 66 -8.46 18.08 13.91
N PRO B 67 -7.24 18.04 13.43
CA PRO B 67 -6.98 17.38 12.17
C PRO B 67 -6.38 16.02 12.46
N GLY B 68 -5.55 15.85 13.52
CA GLY B 68 -4.94 14.57 13.79
C GLY B 68 -3.58 14.84 14.34
N TRP B 69 -2.83 13.75 14.62
CA TRP B 69 -1.61 13.79 15.39
C TRP B 69 -0.77 12.64 14.94
N TRP B 70 0.57 12.70 15.14
CA TRP B 70 1.43 11.59 14.87
C TRP B 70 2.58 11.60 15.85
N TRP B 71 3.14 10.40 16.13
CA TRP B 71 4.25 10.16 17.01
C TRP B 71 5.09 9.14 16.30
N LYS B 72 6.44 9.34 16.22
CA LYS B 72 7.33 8.39 15.58
C LYS B 72 8.01 7.60 16.67
N LEU B 73 7.86 6.26 16.59
CA LEU B 73 7.85 5.36 17.71
C LEU B 73 9.08 5.23 18.56
N PRO B 74 10.31 5.00 18.10
CA PRO B 74 11.42 4.80 19.02
C PRO B 74 11.86 6.13 19.57
N ASP B 75 11.55 7.24 18.87
CA ASP B 75 12.01 8.56 19.19
C ASP B 75 10.95 9.32 19.94
N ALA B 76 9.89 8.65 20.40
CA ALA B 76 8.89 9.24 21.26
C ALA B 76 9.04 8.66 22.64
N LEU B 77 9.95 7.67 22.81
CA LEU B 77 10.22 7.02 24.06
C LEU B 77 11.66 7.20 24.42
N SER B 78 12.39 8.06 23.69
CA SER B 78 13.83 8.15 23.77
C SER B 78 14.31 8.87 25.00
N ASN B 79 13.43 9.61 25.72
CA ASN B 79 13.78 10.33 26.92
C ASN B 79 13.16 9.66 28.12
N LEU B 80 12.54 8.46 27.95
CA LEU B 80 11.71 7.88 28.98
C LEU B 80 12.37 6.64 29.48
N GLY B 81 12.48 6.53 30.82
CA GLY B 81 12.94 5.40 31.58
C GLY B 81 14.28 4.89 31.17
N LEU B 82 14.47 3.56 31.33
CA LEU B 82 15.68 2.88 30.97
C LEU B 82 15.58 2.37 29.56
N PHE B 83 14.42 2.55 28.89
CA PHE B 83 14.29 2.35 27.46
C PHE B 83 15.14 3.36 26.73
N GLY B 84 15.15 4.60 27.23
CA GLY B 84 15.86 5.72 26.67
C GLY B 84 17.31 5.70 27.02
N GLN B 85 17.71 4.91 28.05
CA GLN B 85 19.07 4.84 28.51
C GLN B 85 19.74 3.60 27.97
N ASN B 86 19.04 2.75 27.21
CA ASN B 86 19.66 1.61 26.60
C ASN B 86 19.84 1.90 25.14
N MET B 87 19.14 2.90 24.57
CA MET B 87 19.21 3.11 23.15
C MET B 87 20.20 4.19 22.82
N GLN B 88 20.81 4.83 23.85
CA GLN B 88 21.83 5.81 23.58
C GLN B 88 23.18 5.27 23.99
N TYR B 89 23.22 4.09 24.64
CA TYR B 89 24.47 3.44 24.97
C TYR B 89 24.75 2.33 24.02
N HIS B 90 23.78 1.94 23.17
CA HIS B 90 23.96 0.83 22.26
C HIS B 90 23.75 1.34 20.88
N TYR B 91 24.44 0.70 19.92
CA TYR B 91 24.39 0.99 18.52
C TYR B 91 23.20 0.34 17.86
N LEU B 92 22.65 -0.75 18.42
CA LEU B 92 21.64 -1.55 17.75
C LEU B 92 20.57 -1.88 18.74
N GLY B 93 19.39 -2.28 18.24
CA GLY B 93 18.35 -2.85 19.07
C GLY B 93 17.18 -3.13 18.18
N ARG B 94 16.22 -3.93 18.66
CA ARG B 94 15.04 -4.26 17.90
C ARG B 94 14.00 -4.46 18.94
N THR B 95 12.74 -4.08 18.66
CA THR B 95 11.66 -4.22 19.60
C THR B 95 10.37 -4.13 18.83
N GLY B 96 9.29 -4.76 19.37
CA GLY B 96 7.92 -4.60 18.93
C GLY B 96 7.28 -3.66 19.90
N TYR B 97 5.96 -3.40 19.77
CA TYR B 97 5.27 -2.45 20.61
C TYR B 97 3.91 -2.98 20.89
N THR B 98 3.26 -2.44 21.94
CA THR B 98 1.87 -2.58 22.22
C THR B 98 1.47 -1.17 22.41
N VAL B 99 0.54 -0.66 21.60
CA VAL B 99 0.14 0.71 21.61
C VAL B 99 -1.27 0.66 22.07
N HIS B 100 -1.63 1.50 23.05
CA HIS B 100 -2.95 1.53 23.61
C HIS B 100 -3.34 2.98 23.64
N VAL B 101 -4.46 3.33 22.99
CA VAL B 101 -4.92 4.69 22.88
C VAL B 101 -6.24 4.72 23.61
N GLN B 102 -6.43 5.71 24.50
CA GLN B 102 -7.59 5.83 25.36
C GLN B 102 -8.23 7.14 25.01
N CYS B 103 -9.55 7.19 25.16
CA CYS B 103 -10.33 8.36 24.86
C CYS B 103 -11.70 7.95 25.26
N ASN B 104 -12.21 8.56 26.34
CA ASN B 104 -13.50 8.25 26.91
C ASN B 104 -14.29 9.52 26.82
N ALA B 105 -15.59 9.38 26.55
CA ALA B 105 -16.52 10.47 26.49
C ALA B 105 -17.84 9.84 26.75
N SER B 106 -18.83 10.67 27.15
CA SER B 106 -20.20 10.29 27.45
C SER B 106 -20.93 9.64 26.29
N LYS B 107 -22.19 9.25 26.54
CA LYS B 107 -23.05 8.60 25.59
C LYS B 107 -23.88 9.61 24.84
N PHE B 108 -23.55 10.92 25.01
CA PHE B 108 -24.19 12.02 24.35
C PHE B 108 -23.16 12.71 23.49
N HIS B 109 -21.94 12.13 23.34
CA HIS B 109 -20.89 12.61 22.48
C HIS B 109 -20.78 11.67 21.31
N GLN B 110 -20.16 12.13 20.22
CA GLN B 110 -20.00 11.37 19.02
C GLN B 110 -18.70 11.77 18.39
N GLY B 111 -18.13 10.91 17.53
CA GLY B 111 -16.86 11.15 16.90
C GLY B 111 -16.28 9.82 16.60
N CYS B 112 -15.24 9.79 15.74
CA CYS B 112 -14.62 8.54 15.36
C CYS B 112 -13.18 8.89 15.07
N LEU B 113 -12.23 8.02 15.52
CA LEU B 113 -10.81 8.16 15.34
C LEU B 113 -10.36 6.94 14.61
N LEU B 114 -9.28 7.04 13.81
CA LEU B 114 -8.62 5.93 13.18
C LEU B 114 -7.29 5.91 13.83
N VAL B 115 -6.85 4.75 14.31
CA VAL B 115 -5.60 4.59 15.02
C VAL B 115 -4.85 3.59 14.18
N VAL B 116 -3.70 3.99 13.59
CA VAL B 116 -2.92 3.19 12.67
C VAL B 116 -1.49 3.19 13.11
N CYS B 117 -0.79 2.06 12.91
CA CYS B 117 0.64 1.96 13.05
C CYS B 117 1.16 1.65 11.70
N VAL B 118 1.93 2.61 11.12
CA VAL B 118 2.32 2.65 9.73
C VAL B 118 3.80 2.38 9.67
N PRO B 119 4.31 1.26 9.16
CA PRO B 119 5.72 1.02 8.94
C PRO B 119 6.35 1.99 7.98
N GLU B 120 7.54 2.53 8.31
CA GLU B 120 8.32 3.45 7.51
C GLU B 120 7.54 4.54 6.83
N ALA B 121 6.89 5.42 7.63
CA ALA B 121 6.09 6.51 7.12
C ALA B 121 6.98 7.68 6.82
N GLU B 122 7.51 7.74 5.58
CA GLU B 122 8.37 8.78 5.12
C GLU B 122 7.48 9.89 4.63
N MET B 123 7.73 11.15 5.07
CA MET B 123 6.83 12.25 4.91
C MET B 123 7.47 13.35 4.12
N GLY B 124 6.69 13.93 3.17
CA GLY B 124 7.09 14.98 2.26
C GLY B 124 7.39 16.29 2.92
N CYS B 125 7.87 17.26 2.10
CA CYS B 125 8.30 18.57 2.51
C CYS B 125 7.44 19.52 1.72
N ALA B 126 7.11 20.68 2.33
CA ALA B 126 6.32 21.75 1.74
C ALA B 126 6.96 22.32 0.49
N THR B 127 8.30 22.51 0.53
CA THR B 127 9.10 22.93 -0.59
C THR B 127 9.61 21.68 -1.24
N LEU B 128 9.57 21.60 -2.59
CA LEU B 128 9.67 20.34 -3.29
C LEU B 128 11.09 19.96 -3.60
N ASP B 129 12.08 20.83 -3.33
CA ASP B 129 13.48 20.52 -3.58
C ASP B 129 14.24 20.53 -2.28
N ASN B 130 13.53 20.41 -1.14
CA ASN B 130 14.13 20.28 0.18
C ASN B 130 13.50 19.07 0.79
N THR B 131 14.08 18.56 1.91
CA THR B 131 13.52 17.48 2.69
C THR B 131 13.31 18.05 4.08
N PRO B 132 12.38 17.59 4.91
CA PRO B 132 12.15 18.11 6.23
C PRO B 132 13.33 18.01 7.17
N SER B 133 13.41 18.92 8.15
CA SER B 133 14.36 18.86 9.24
C SER B 133 13.84 17.89 10.27
N SER B 134 14.65 17.56 11.29
CA SER B 134 14.34 16.54 12.26
C SER B 134 13.60 17.15 13.42
N ALA B 135 13.38 18.48 13.40
CA ALA B 135 12.68 19.21 14.42
C ALA B 135 11.28 19.46 13.98
N GLU B 136 10.89 19.01 12.76
CA GLU B 136 9.57 19.15 12.24
C GLU B 136 8.91 17.81 12.14
N LEU B 137 9.66 16.71 12.35
CA LEU B 137 9.15 15.37 12.22
C LEU B 137 9.03 14.72 13.55
N LEU B 138 9.91 15.08 14.52
CA LEU B 138 10.07 14.33 15.73
C LEU B 138 9.71 15.22 16.88
N GLY B 139 8.90 14.66 17.82
CA GLY B 139 8.41 15.33 18.99
C GLY B 139 9.31 15.00 20.14
N GLY B 140 9.09 13.83 20.79
CA GLY B 140 9.84 13.39 21.94
C GLY B 140 8.91 12.94 23.02
N ASP B 141 7.60 12.88 22.72
CA ASP B 141 6.47 12.43 23.52
C ASP B 141 5.41 13.49 23.42
N THR B 142 5.74 14.64 22.79
CA THR B 142 4.79 15.64 22.38
C THR B 142 4.36 15.22 21.01
N ALA B 143 3.06 15.44 20.68
CA ALA B 143 2.52 15.04 19.42
C ALA B 143 2.74 16.15 18.44
N LYS B 144 3.06 15.78 17.18
CA LYS B 144 3.02 16.67 16.05
C LYS B 144 1.63 16.61 15.53
N GLU B 145 1.15 17.68 14.88
CA GLU B 145 -0.23 17.80 14.43
C GLU B 145 -0.21 17.94 12.95
N PHE B 146 -1.27 17.42 12.28
CA PHE B 146 -1.54 17.63 10.87
C PHE B 146 -2.14 19.00 10.70
N ALA B 147 -2.44 19.39 9.45
CA ALA B 147 -3.12 20.61 9.15
C ALA B 147 -4.28 20.21 8.29
N ASP B 148 -5.26 21.12 8.10
CA ASP B 148 -6.41 20.87 7.27
C ASP B 148 -6.26 21.62 5.97
N LYS B 149 -5.29 22.55 5.87
CA LYS B 149 -5.04 23.33 4.69
C LYS B 149 -3.62 23.07 4.29
N PRO B 150 -3.26 22.97 3.01
CA PRO B 150 -1.90 22.96 2.49
C PRO B 150 -0.91 23.88 3.15
N VAL B 151 0.33 23.41 3.33
CA VAL B 151 1.41 24.20 3.86
C VAL B 151 1.99 24.93 2.68
N ALA B 152 2.10 26.27 2.78
CA ALA B 152 2.65 27.14 1.76
C ALA B 152 4.11 26.86 1.55
N SER B 153 4.59 27.03 0.30
CA SER B 153 5.94 26.68 -0.09
C SER B 153 6.75 27.95 -0.07
N GLY B 154 7.74 28.01 0.85
CA GLY B 154 8.62 29.13 1.06
C GLY B 154 10.00 28.71 0.66
N SER B 155 10.90 28.63 1.65
CA SER B 155 12.24 28.13 1.51
C SER B 155 12.37 27.27 2.73
N ASN B 156 11.45 26.29 2.82
CA ASN B 156 11.06 25.65 4.03
C ASN B 156 11.77 24.35 4.22
N LYS B 157 11.88 23.96 5.49
CA LYS B 157 12.29 22.64 5.92
C LYS B 157 11.09 22.07 6.64
N LEU B 158 9.89 22.63 6.38
CA LEU B 158 8.62 22.25 6.96
C LEU B 158 8.12 21.00 6.29
N VAL B 159 7.28 20.24 7.03
CA VAL B 159 6.61 19.05 6.55
C VAL B 159 5.38 19.53 5.82
N GLN B 160 4.95 18.80 4.77
CA GLN B 160 3.70 19.04 4.09
C GLN B 160 2.69 18.20 4.82
N ARG B 161 1.81 18.85 5.62
CA ARG B 161 0.93 18.17 6.52
C ARG B 161 -0.42 18.55 6.01
N VAL B 162 -1.20 17.56 5.59
CA VAL B 162 -2.57 17.73 5.23
C VAL B 162 -3.12 16.38 5.60
N VAL B 163 -4.29 16.36 6.23
CA VAL B 163 -4.93 15.16 6.70
C VAL B 163 -5.30 14.22 5.59
N TYR B 164 -5.80 14.77 4.47
CA TYR B 164 -6.40 13.99 3.42
C TYR B 164 -5.36 13.32 2.54
N ASN B 165 -4.08 13.76 2.60
CA ASN B 165 -2.99 13.07 1.95
C ASN B 165 -2.15 12.34 2.96
N ALA B 166 -2.36 12.61 4.26
CA ALA B 166 -1.72 11.95 5.39
C ALA B 166 -0.26 12.31 5.52
N GLY B 167 0.20 13.35 4.79
CA GLY B 167 1.57 13.80 4.78
C GLY B 167 2.48 12.89 4.00
N MET B 168 1.94 12.00 3.14
CA MET B 168 2.72 11.00 2.44
C MET B 168 2.31 10.93 1.00
N GLY B 169 1.20 11.58 0.61
CA GLY B 169 0.81 11.68 -0.78
C GLY B 169 -0.03 10.52 -1.19
N VAL B 170 -0.88 10.00 -0.28
CA VAL B 170 -1.68 8.82 -0.49
C VAL B 170 -3.04 9.19 0.00
N GLY B 171 -4.11 8.45 -0.37
CA GLY B 171 -5.43 8.63 0.20
C GLY B 171 -5.43 8.18 1.63
N VAL B 172 -6.08 8.96 2.53
CA VAL B 172 -6.08 8.73 3.95
C VAL B 172 -7.03 7.61 4.31
N GLY B 173 -7.99 7.29 3.40
CA GLY B 173 -8.99 6.30 3.60
C GLY B 173 -8.50 4.94 3.22
N ASN B 174 -7.23 4.84 2.77
CA ASN B 174 -6.62 3.60 2.34
C ASN B 174 -5.55 3.23 3.33
N LEU B 175 -5.54 3.82 4.55
CA LEU B 175 -4.54 3.53 5.56
C LEU B 175 -4.97 2.34 6.37
N THR B 176 -5.99 1.61 5.90
CA THR B 176 -6.63 0.52 6.60
C THR B 176 -6.03 -0.81 6.20
N ILE B 177 -4.89 -0.82 5.47
CA ILE B 177 -4.12 -2.04 5.23
C ILE B 177 -3.08 -2.16 6.28
N PHE B 178 -2.84 -1.09 7.06
CA PHE B 178 -1.92 -1.09 8.14
C PHE B 178 -2.67 -1.54 9.35
N PRO B 179 -2.08 -2.20 10.36
CA PRO B 179 -2.76 -2.62 11.58
C PRO B 179 -3.48 -1.50 12.27
N HIS B 180 -4.80 -1.64 12.55
CA HIS B 180 -5.59 -0.49 12.87
C HIS B 180 -6.78 -0.90 13.66
N GLN B 181 -7.37 0.07 14.38
CA GLN B 181 -8.66 -0.04 15.00
C GLN B 181 -9.26 1.32 14.94
N TRP B 182 -10.57 1.43 15.20
CA TRP B 182 -11.30 2.67 15.23
C TRP B 182 -11.76 2.83 16.64
N ILE B 183 -11.78 4.07 17.15
CA ILE B 183 -12.41 4.39 18.40
C ILE B 183 -13.61 5.16 17.98
N ASN B 184 -14.79 4.56 18.14
CA ASN B 184 -16.07 5.13 17.83
C ASN B 184 -16.66 5.30 19.20
N LEU B 185 -17.11 6.51 19.56
CA LEU B 185 -17.42 6.86 20.93
C LEU B 185 -18.68 6.21 21.45
N ARG B 186 -19.53 5.65 20.57
CA ARG B 186 -20.77 5.04 20.97
C ARG B 186 -20.57 3.56 21.17
N THR B 187 -19.33 3.04 21.03
CA THR B 187 -19.05 1.64 21.09
C THR B 187 -17.98 1.44 22.11
N ASN B 188 -16.77 1.97 21.87
CA ASN B 188 -15.59 1.60 22.61
C ASN B 188 -14.82 2.83 22.93
N ASN B 189 -13.91 2.74 23.91
CA ASN B 189 -13.19 3.88 24.41
C ASN B 189 -11.72 3.66 24.28
N SER B 190 -11.26 2.54 23.67
CA SER B 190 -9.85 2.26 23.62
C SER B 190 -9.58 1.39 22.45
N ALA B 191 -8.29 1.32 22.04
CA ALA B 191 -7.84 0.61 20.89
C ALA B 191 -6.49 0.06 21.24
N THR B 192 -6.17 -1.18 20.83
CA THR B 192 -4.94 -1.86 21.17
C THR B 192 -4.44 -2.47 19.90
N ILE B 193 -3.18 -2.18 19.52
CA ILE B 193 -2.49 -2.76 18.39
C ILE B 193 -1.22 -3.33 19.00
N VAL B 194 -0.75 -4.51 18.53
CA VAL B 194 0.50 -5.10 18.94
C VAL B 194 1.30 -5.22 17.69
N MET B 195 2.35 -4.40 17.51
CA MET B 195 3.22 -4.45 16.35
C MET B 195 4.38 -5.38 16.60
N PRO B 196 4.80 -6.22 15.65
CA PRO B 196 6.06 -6.93 15.71
C PRO B 196 7.10 -6.05 15.07
N TYR B 197 8.39 -6.39 15.22
CA TYR B 197 9.50 -5.69 14.59
C TYR B 197 9.48 -5.92 13.10
N THR B 198 9.43 -4.82 12.32
CA THR B 198 9.35 -4.84 10.88
C THR B 198 10.55 -4.07 10.40
N ASN B 199 11.47 -4.74 9.68
CA ASN B 199 12.57 -4.06 9.07
C ASN B 199 13.13 -5.04 8.10
N SER B 200 14.02 -4.58 7.20
CA SER B 200 14.67 -5.36 6.18
C SER B 200 16.07 -5.71 6.63
N VAL B 201 16.39 -5.49 7.91
CA VAL B 201 17.67 -5.81 8.50
C VAL B 201 17.31 -6.36 9.86
N PRO B 202 18.09 -7.23 10.49
CA PRO B 202 17.70 -7.90 11.72
C PRO B 202 17.71 -6.99 12.92
N MET B 203 18.66 -6.02 13.03
CA MET B 203 18.63 -5.00 14.05
C MET B 203 18.98 -3.73 13.37
N ASP B 204 18.62 -2.57 13.97
CA ASP B 204 18.94 -1.31 13.36
C ASP B 204 19.09 -0.31 14.45
N ASN B 205 19.93 0.74 14.22
CA ASN B 205 20.11 1.88 15.07
C ASN B 205 18.82 2.66 15.15
N MET B 206 18.47 3.14 16.36
CA MET B 206 17.16 3.66 16.66
C MET B 206 17.17 5.14 16.84
N PHE B 207 18.30 5.82 16.57
CA PHE B 207 18.40 7.24 16.78
C PHE B 207 18.57 7.88 15.42
N ARG B 208 18.19 7.19 14.33
CA ARG B 208 18.26 7.80 13.03
C ARG B 208 17.37 7.02 12.12
N HIS B 209 16.56 6.09 12.64
CA HIS B 209 15.59 5.40 11.84
C HIS B 209 14.44 5.17 12.75
N ASN B 210 13.23 5.48 12.24
CA ASN B 210 11.99 5.30 12.93
C ASN B 210 11.26 4.34 12.06
N ASN B 211 10.92 3.16 12.58
CA ASN B 211 10.42 2.09 11.75
C ASN B 211 8.92 1.97 11.89
N VAL B 212 8.27 2.82 12.72
CA VAL B 212 6.82 2.81 12.86
C VAL B 212 6.43 4.22 13.22
N THR B 213 5.19 4.61 12.86
CA THR B 213 4.62 5.89 13.18
C THR B 213 3.19 5.61 13.51
N LEU B 214 2.73 6.08 14.69
CA LEU B 214 1.39 6.04 15.16
C LEU B 214 0.73 7.29 14.67
N MET B 215 -0.53 7.23 14.20
CA MET B 215 -1.28 8.38 13.78
C MET B 215 -2.65 8.17 14.31
N VAL B 216 -3.28 9.24 14.84
CA VAL B 216 -4.63 9.22 15.33
C VAL B 216 -5.30 10.32 14.57
N ILE B 217 -6.35 9.99 13.77
CA ILE B 217 -6.93 10.91 12.81
C ILE B 217 -8.43 10.89 13.02
N PRO B 218 -9.10 11.97 13.41
CA PRO B 218 -10.56 12.10 13.33
C PRO B 218 -11.12 11.93 11.92
N PHE B 219 -12.10 11.04 11.71
CA PHE B 219 -12.80 10.90 10.45
C PHE B 219 -14.17 11.50 10.60
N VAL B 220 -14.74 11.47 11.82
CA VAL B 220 -16.00 12.08 12.17
C VAL B 220 -15.62 13.02 13.29
N PRO B 221 -15.80 14.34 13.21
CA PRO B 221 -15.45 15.27 14.27
C PRO B 221 -16.18 15.03 15.56
N LEU B 222 -15.60 15.49 16.69
CA LEU B 222 -16.20 15.51 17.99
C LEU B 222 -17.39 16.46 17.98
N ASP B 223 -18.55 16.06 18.54
CA ASP B 223 -19.72 16.91 18.59
C ASP B 223 -20.48 16.55 19.83
N TYR B 224 -21.09 17.58 20.45
CA TYR B 224 -21.82 17.46 21.67
C TYR B 224 -22.64 18.71 21.74
N CYS B 225 -23.68 18.71 22.61
CA CYS B 225 -24.54 19.85 22.82
C CYS B 225 -24.05 20.62 24.02
N PRO B 226 -24.32 21.93 24.13
CA PRO B 226 -24.17 22.71 25.35
C PRO B 226 -24.59 22.04 26.63
N GLY B 227 -23.72 22.04 27.65
CA GLY B 227 -23.97 21.49 28.95
C GLY B 227 -23.09 20.30 29.19
N SER B 228 -22.50 19.72 28.12
CA SER B 228 -21.61 18.59 28.21
C SER B 228 -20.22 19.08 28.45
N THR B 229 -19.29 18.15 28.79
CA THR B 229 -17.88 18.41 28.92
C THR B 229 -17.30 18.82 27.59
N THR B 230 -16.43 19.85 27.58
CA THR B 230 -15.94 20.47 26.38
C THR B 230 -14.50 20.10 26.17
N TYR B 231 -13.91 19.31 27.10
CA TYR B 231 -12.51 18.97 27.05
C TYR B 231 -12.48 17.47 27.09
N VAL B 232 -11.96 16.86 26.01
CA VAL B 232 -11.91 15.42 25.87
C VAL B 232 -10.47 15.14 25.53
N PRO B 233 -9.65 14.49 26.34
CA PRO B 233 -8.25 14.23 26.01
C PRO B 233 -8.12 12.89 25.33
N ILE B 234 -6.97 12.67 24.65
CA ILE B 234 -6.61 11.41 24.04
C ILE B 234 -5.25 11.15 24.60
N THR B 235 -5.06 9.99 25.27
CA THR B 235 -3.84 9.61 25.94
C THR B 235 -3.34 8.43 25.15
N VAL B 236 -2.01 8.33 24.98
CA VAL B 236 -1.36 7.27 24.25
C VAL B 236 -0.42 6.63 25.25
N THR B 237 -0.34 5.29 25.24
CA THR B 237 0.43 4.50 26.17
C THR B 237 1.12 3.48 25.29
N ILE B 238 2.44 3.26 25.47
CA ILE B 238 3.22 2.46 24.55
C ILE B 238 4.16 1.63 25.38
N ALA B 239 4.21 0.30 25.15
CA ALA B 239 5.11 -0.60 25.84
C ALA B 239 5.98 -1.28 24.84
N PRO B 240 7.31 -1.25 24.93
CA PRO B 240 8.22 -2.15 24.26
C PRO B 240 7.93 -3.63 24.46
N MET B 241 8.31 -4.49 23.51
CA MET B 241 8.07 -5.91 23.57
C MET B 241 9.34 -6.52 23.07
N CYS B 242 9.96 -7.41 23.87
CA CYS B 242 11.13 -8.19 23.48
C CYS B 242 12.28 -7.34 23.00
N ALA B 243 12.58 -6.26 23.73
CA ALA B 243 13.67 -5.36 23.41
C ALA B 243 14.99 -6.04 23.60
N GLU B 244 15.92 -5.79 22.66
CA GLU B 244 17.28 -6.27 22.72
C GLU B 244 18.09 -5.11 22.33
N TYR B 245 19.39 -5.13 22.67
CA TYR B 245 20.31 -4.07 22.36
C TYR B 245 21.62 -4.75 22.22
N ASN B 246 22.51 -4.23 21.36
CA ASN B 246 23.75 -4.88 21.05
C ASN B 246 24.66 -3.77 20.63
N GLY B 247 25.97 -3.87 20.92
CA GLY B 247 26.94 -2.89 20.44
C GLY B 247 27.21 -1.83 21.45
N LEU B 248 27.44 -2.21 22.73
CA LEU B 248 27.68 -1.31 23.84
C LEU B 248 28.89 -0.44 23.62
N ARG B 249 28.74 0.88 23.88
CA ARG B 249 29.72 1.89 23.59
C ARG B 249 29.50 2.98 24.60
N LEU B 250 29.93 4.22 24.31
CA LEU B 250 29.71 5.39 25.14
C LEU B 250 28.39 6.01 24.79
N ALA B 251 27.82 6.79 25.72
CA ALA B 251 26.58 7.51 25.55
C ALA B 251 26.69 8.56 24.48
N GLY B 252 25.57 8.78 23.75
CA GLY B 252 25.50 9.73 22.68
C GLY B 252 24.53 9.15 21.65
N GLY C 1 27.06 -28.24 -38.63
CA GLY C 1 26.37 -28.62 -37.38
C GLY C 1 25.00 -29.16 -37.64
N LEU C 2 24.17 -29.18 -36.58
CA LEU C 2 22.80 -29.63 -36.58
C LEU C 2 21.96 -28.72 -37.44
N PRO C 3 21.32 -29.12 -38.54
CA PRO C 3 20.48 -28.26 -39.35
C PRO C 3 19.29 -27.72 -38.58
N THR C 4 19.09 -26.38 -38.60
CA THR C 4 18.09 -25.69 -37.82
C THR C 4 17.46 -24.73 -38.77
N MET C 5 16.32 -24.11 -38.38
CA MET C 5 15.63 -23.18 -39.21
C MET C 5 15.00 -22.20 -38.25
N ASN C 6 15.05 -20.89 -38.57
CA ASN C 6 14.48 -19.86 -37.75
C ASN C 6 13.07 -19.61 -38.19
N THR C 7 12.20 -19.24 -37.22
CA THR C 7 10.78 -19.05 -37.41
C THR C 7 10.52 -17.57 -37.20
N PRO C 8 9.42 -16.96 -37.66
CA PRO C 8 8.95 -15.65 -37.22
C PRO C 8 8.99 -15.42 -35.74
N GLY C 9 9.52 -14.27 -35.31
CA GLY C 9 9.61 -13.91 -33.92
C GLY C 9 10.99 -14.13 -33.41
N SER C 10 12.00 -14.27 -34.30
CA SER C 10 13.37 -14.40 -33.90
C SER C 10 14.00 -13.04 -34.04
N CYS C 11 14.76 -12.63 -32.99
CA CYS C 11 15.41 -11.34 -32.88
C CYS C 11 14.40 -10.26 -32.64
N GLN C 12 13.43 -10.50 -31.73
CA GLN C 12 12.43 -9.53 -31.36
C GLN C 12 12.60 -9.41 -29.88
N PHE C 13 12.11 -8.30 -29.31
CA PHE C 13 12.05 -8.12 -27.89
C PHE C 13 10.61 -7.93 -27.56
N LEU C 14 9.99 -8.99 -27.02
CA LEU C 14 8.64 -9.00 -26.51
C LEU C 14 8.80 -8.76 -25.04
N THR C 15 8.03 -7.81 -24.47
CA THR C 15 8.24 -7.33 -23.11
C THR C 15 7.67 -8.29 -22.10
N SER C 16 6.85 -9.27 -22.54
CA SER C 16 6.16 -10.20 -21.68
C SER C 16 6.82 -11.55 -21.69
N ASP C 17 7.89 -11.76 -22.50
CA ASP C 17 8.58 -13.02 -22.68
C ASP C 17 9.29 -13.51 -21.43
N ASP C 18 9.41 -14.84 -21.29
CA ASP C 18 10.19 -15.47 -20.25
C ASP C 18 11.17 -16.33 -20.95
N PHE C 19 12.45 -15.95 -20.87
CA PHE C 19 13.55 -16.73 -21.38
C PHE C 19 14.64 -16.60 -20.37
N GLN C 20 15.63 -17.51 -20.45
CA GLN C 20 16.79 -17.52 -19.59
C GLN C 20 17.84 -16.66 -20.24
N SER C 21 18.67 -15.98 -19.42
CA SER C 21 19.72 -15.15 -19.92
C SER C 21 20.88 -15.24 -18.96
N PRO C 22 22.13 -15.26 -19.39
CA PRO C 22 23.30 -15.40 -18.52
C PRO C 22 23.44 -14.27 -17.54
N SER C 23 23.95 -14.56 -16.32
CA SER C 23 24.19 -13.54 -15.33
C SER C 23 25.47 -12.85 -15.63
N ALA C 24 25.49 -11.53 -15.35
CA ALA C 24 26.62 -10.68 -15.54
C ALA C 24 27.58 -10.82 -14.39
N MET C 25 27.10 -11.34 -13.24
CA MET C 25 27.91 -11.62 -12.09
C MET C 25 27.73 -13.07 -11.77
N PRO C 26 28.66 -13.96 -12.10
CA PRO C 26 28.46 -15.38 -11.89
C PRO C 26 29.02 -15.77 -10.56
N GLN C 27 28.30 -16.65 -9.83
CA GLN C 27 28.69 -17.27 -8.58
C GLN C 27 28.51 -16.30 -7.44
N TYR C 28 27.71 -15.25 -7.65
CA TYR C 28 27.37 -14.28 -6.65
C TYR C 28 26.35 -14.91 -5.74
N ASP C 29 26.64 -15.00 -4.43
CA ASP C 29 25.71 -15.50 -3.45
C ASP C 29 25.03 -14.33 -2.83
N VAL C 30 23.68 -14.40 -2.77
CA VAL C 30 22.81 -13.37 -2.31
C VAL C 30 22.73 -13.48 -0.81
N THR C 31 22.36 -12.39 -0.11
CA THR C 31 22.20 -12.36 1.33
C THR C 31 21.08 -13.30 1.75
N PRO C 32 21.12 -14.00 2.88
CA PRO C 32 20.00 -14.78 3.40
C PRO C 32 18.69 -14.03 3.50
N GLU C 33 17.55 -14.75 3.46
CA GLU C 33 16.26 -14.18 3.74
C GLU C 33 16.03 -14.19 5.23
N MET C 34 15.18 -13.25 5.70
CA MET C 34 14.68 -13.25 7.05
C MET C 34 13.20 -13.27 6.86
N ARG C 35 12.46 -13.73 7.89
CA ARG C 35 11.03 -13.62 7.94
C ARG C 35 10.70 -12.21 8.34
N ILE C 36 10.00 -11.49 7.44
CA ILE C 36 9.54 -10.14 7.65
C ILE C 36 8.06 -10.37 7.75
N PRO C 37 7.32 -9.83 8.71
CA PRO C 37 5.87 -9.90 8.78
C PRO C 37 5.15 -9.45 7.53
N GLY C 38 4.02 -10.09 7.18
CA GLY C 38 3.09 -9.55 6.22
C GLY C 38 3.49 -9.72 4.80
N GLU C 39 4.06 -10.88 4.42
CA GLU C 39 4.37 -11.24 3.06
C GLU C 39 3.13 -11.30 2.22
N VAL C 40 3.22 -10.83 0.95
CA VAL C 40 2.11 -10.72 0.03
C VAL C 40 2.48 -11.66 -1.07
N LYS C 41 1.52 -12.50 -1.52
CA LYS C 41 1.77 -13.44 -2.58
C LYS C 41 0.71 -13.29 -3.64
N ASN C 42 -0.33 -12.48 -3.38
CA ASN C 42 -1.38 -12.30 -4.34
C ASN C 42 -1.95 -10.94 -4.00
N LEU C 43 -2.53 -10.25 -4.98
CA LEU C 43 -3.06 -8.91 -4.80
C LEU C 43 -4.51 -8.98 -4.46
N MET C 44 -5.09 -10.20 -4.38
CA MET C 44 -6.47 -10.37 -4.03
C MET C 44 -6.53 -10.58 -2.55
N GLU C 45 -5.37 -10.77 -1.88
CA GLU C 45 -5.21 -10.70 -0.46
C GLU C 45 -5.51 -9.33 0.06
N ILE C 46 -5.10 -8.28 -0.69
CA ILE C 46 -5.08 -6.93 -0.22
C ILE C 46 -6.17 -6.14 -0.89
N ALA C 47 -7.08 -6.83 -1.62
CA ALA C 47 -8.28 -6.26 -2.17
C ALA C 47 -9.44 -6.71 -1.33
N GLU C 48 -9.20 -7.64 -0.38
CA GLU C 48 -10.18 -8.18 0.53
C GLU C 48 -10.12 -7.44 1.84
N VAL C 49 -9.46 -6.26 1.87
CA VAL C 49 -9.28 -5.46 3.05
C VAL C 49 -10.16 -4.26 2.86
N ASP C 50 -10.98 -3.91 3.89
CA ASP C 50 -11.88 -2.78 3.94
C ASP C 50 -11.15 -1.48 3.74
N SER C 51 -11.78 -0.53 3.01
CA SER C 51 -11.18 0.73 2.70
C SER C 51 -12.30 1.70 2.66
N VAL C 52 -12.14 2.87 3.34
CA VAL C 52 -13.13 3.91 3.46
C VAL C 52 -13.42 4.50 2.11
N VAL C 53 -14.73 4.63 1.77
CA VAL C 53 -15.22 5.00 0.48
C VAL C 53 -15.59 6.46 0.56
N PRO C 54 -15.17 7.35 -0.33
CA PRO C 54 -15.55 8.75 -0.29
C PRO C 54 -16.83 8.92 -1.08
N VAL C 55 -17.99 8.62 -0.43
CA VAL C 55 -19.31 8.72 -1.00
C VAL C 55 -19.66 10.15 -1.34
N GLN C 56 -19.34 11.08 -0.43
CA GLN C 56 -19.52 12.49 -0.67
C GLN C 56 -18.23 12.91 -1.32
N ASN C 57 -18.31 13.90 -2.22
CA ASN C 57 -17.25 14.21 -3.15
C ASN C 57 -17.94 15.13 -4.10
N VAL C 58 -18.60 16.16 -3.55
CA VAL C 58 -19.39 17.09 -4.28
C VAL C 58 -18.72 18.40 -4.03
N GLY C 59 -18.11 18.99 -5.08
CA GLY C 59 -17.39 20.23 -4.97
C GLY C 59 -16.24 20.13 -4.01
N GLU C 60 -16.17 21.09 -3.05
CA GLU C 60 -15.13 21.18 -2.07
C GLU C 60 -15.46 20.29 -0.90
N LYS C 61 -15.12 19.00 -1.04
CA LYS C 61 -15.31 18.00 -0.03
C LYS C 61 -14.16 17.06 -0.19
N VAL C 62 -13.56 17.04 -1.40
CA VAL C 62 -12.48 16.16 -1.78
C VAL C 62 -11.19 16.70 -1.25
N ASN C 63 -11.19 17.98 -0.81
CA ASN C 63 -10.05 18.67 -0.27
C ASN C 63 -10.22 18.76 1.22
N SER C 64 -10.94 17.79 1.81
CA SER C 64 -11.19 17.74 3.22
C SER C 64 -11.49 16.30 3.56
N MET C 65 -11.83 16.05 4.85
CA MET C 65 -12.23 14.76 5.35
C MET C 65 -13.72 14.59 5.25
N GLU C 66 -14.44 15.60 4.71
CA GLU C 66 -15.88 15.61 4.61
C GLU C 66 -16.36 14.70 3.50
N ALA C 67 -15.46 14.29 2.59
CA ALA C 67 -15.70 13.36 1.52
C ALA C 67 -16.15 12.03 2.05
N TYR C 68 -15.52 11.56 3.14
CA TYR C 68 -15.74 10.24 3.66
C TYR C 68 -17.00 10.13 4.46
N GLN C 69 -17.57 11.28 4.88
CA GLN C 69 -18.69 11.37 5.76
C GLN C 69 -19.96 11.46 4.95
N ILE C 70 -21.04 10.78 5.42
CA ILE C 70 -22.32 10.72 4.75
C ILE C 70 -23.31 11.32 5.73
N PRO C 71 -23.92 12.47 5.51
CA PRO C 71 -24.91 13.04 6.42
C PRO C 71 -26.16 12.23 6.59
N VAL C 72 -26.67 12.11 7.83
CA VAL C 72 -27.97 11.57 8.13
C VAL C 72 -28.43 12.40 9.28
N ARG C 73 -29.76 12.58 9.42
CA ARG C 73 -30.28 13.51 10.40
C ARG C 73 -31.70 13.16 10.66
N SER C 74 -32.30 13.83 11.68
CA SER C 74 -33.68 13.69 12.04
C SER C 74 -34.44 14.62 11.14
N ASN C 75 -35.44 14.09 10.43
CA ASN C 75 -36.20 14.82 9.46
C ASN C 75 -37.61 14.36 9.57
N GLU C 76 -38.56 15.17 9.04
CA GLU C 76 -39.97 14.82 8.96
C GLU C 76 -40.18 13.68 8.00
N GLY C 77 -41.07 12.73 8.37
CA GLY C 77 -41.35 11.53 7.61
C GLY C 77 -40.15 10.61 7.48
N SER C 78 -40.22 9.72 6.47
CA SER C 78 -39.15 8.80 6.17
C SER C 78 -39.36 8.45 4.73
N GLY C 79 -38.38 7.70 4.15
CA GLY C 79 -38.43 7.24 2.78
C GLY C 79 -37.78 8.24 1.89
N THR C 80 -36.82 9.00 2.44
CA THR C 80 -36.03 9.97 1.72
C THR C 80 -34.73 9.26 1.52
N GLN C 81 -33.99 9.60 0.45
CA GLN C 81 -32.77 8.94 0.08
C GLN C 81 -31.64 9.53 0.87
N VAL C 82 -30.56 8.75 1.07
CA VAL C 82 -29.41 9.15 1.84
C VAL C 82 -28.26 9.29 0.87
N PHE C 83 -28.07 8.30 -0.04
CA PHE C 83 -27.03 8.39 -1.04
C PHE C 83 -27.44 7.48 -2.15
N GLY C 84 -26.72 7.58 -3.29
CA GLY C 84 -26.87 6.70 -4.40
C GLY C 84 -25.62 6.84 -5.20
N PHE C 85 -25.05 5.72 -5.70
CA PHE C 85 -23.91 5.74 -6.57
C PHE C 85 -24.01 4.47 -7.38
N PRO C 86 -23.43 4.35 -8.57
CA PRO C 86 -23.61 3.20 -9.41
C PRO C 86 -22.56 2.18 -9.08
N LEU C 87 -22.87 0.89 -9.25
CA LEU C 87 -21.91 -0.17 -9.13
C LEU C 87 -21.11 -0.18 -10.40
N GLN C 88 -19.80 0.12 -10.26
CA GLN C 88 -18.83 0.06 -11.32
C GLN C 88 -17.54 0.54 -10.73
N PRO C 89 -16.84 -0.23 -9.89
CA PRO C 89 -15.53 0.12 -9.40
C PRO C 89 -14.52 0.22 -10.51
N GLY C 90 -13.54 1.15 -10.37
CA GLY C 90 -12.50 1.35 -11.34
C GLY C 90 -13.01 2.16 -12.49
N TYR C 91 -14.07 2.95 -12.26
CA TYR C 91 -14.58 3.86 -13.23
C TYR C 91 -15.15 4.98 -12.42
N SER C 92 -16.15 4.67 -11.56
CA SER C 92 -16.92 5.60 -10.77
C SER C 92 -16.02 6.46 -9.91
N SER C 93 -16.40 7.74 -9.71
CA SER C 93 -15.70 8.73 -8.92
C SER C 93 -15.53 8.27 -7.51
N VAL C 94 -16.58 7.64 -6.97
CA VAL C 94 -16.72 7.11 -5.65
C VAL C 94 -15.71 6.01 -5.37
N PHE C 95 -15.47 5.10 -6.34
CA PHE C 95 -14.74 3.88 -6.08
C PHE C 95 -13.40 3.81 -6.74
N SER C 96 -12.97 4.80 -7.55
CA SER C 96 -11.80 4.60 -8.39
C SER C 96 -10.50 4.72 -7.64
N ARG C 97 -10.52 5.39 -6.47
CA ARG C 97 -9.33 5.69 -5.70
C ARG C 97 -9.38 4.99 -4.38
N THR C 98 -10.33 4.05 -4.18
CA THR C 98 -10.38 3.17 -3.03
C THR C 98 -9.34 2.11 -3.26
N LEU C 99 -8.97 1.39 -2.19
CA LEU C 99 -7.95 0.36 -2.20
C LEU C 99 -8.30 -0.78 -3.11
N LEU C 100 -9.58 -1.21 -3.13
CA LEU C 100 -10.13 -2.16 -4.06
C LEU C 100 -10.02 -1.66 -5.48
N GLY C 101 -10.34 -0.37 -5.69
CA GLY C 101 -10.50 0.25 -6.98
C GLY C 101 -9.22 0.51 -7.70
N GLU C 102 -8.07 0.49 -6.99
CA GLU C 102 -6.78 0.79 -7.57
C GLU C 102 -5.98 -0.46 -7.84
N ILE C 103 -6.57 -1.65 -7.60
CA ILE C 103 -6.02 -2.96 -7.93
C ILE C 103 -6.95 -3.43 -9.02
N LEU C 104 -7.51 -2.49 -9.79
CA LEU C 104 -8.64 -2.78 -10.61
C LEU C 104 -8.64 -1.73 -11.66
N ASN C 105 -7.56 -0.90 -11.74
CA ASN C 105 -7.30 -0.03 -12.85
C ASN C 105 -6.04 -0.54 -13.48
N TYR C 106 -5.54 -1.70 -13.03
CA TYR C 106 -4.46 -2.41 -13.64
C TYR C 106 -5.02 -3.60 -14.34
N TYR C 107 -6.36 -3.77 -14.41
CA TYR C 107 -6.97 -4.95 -14.97
C TYR C 107 -8.10 -4.49 -15.82
N THR C 108 -8.48 -5.33 -16.81
CA THR C 108 -9.48 -5.00 -17.79
C THR C 108 -10.78 -5.61 -17.37
N HIS C 109 -10.75 -6.74 -16.63
CA HIS C 109 -11.91 -7.54 -16.37
C HIS C 109 -11.95 -7.79 -14.90
N TRP C 110 -13.17 -8.02 -14.33
CA TRP C 110 -13.33 -8.28 -12.93
C TRP C 110 -14.55 -9.14 -12.80
N SER C 111 -14.64 -9.93 -11.71
CA SER C 111 -15.75 -10.81 -11.46
C SER C 111 -15.85 -10.94 -9.98
N GLY C 112 -17.04 -11.32 -9.45
CA GLY C 112 -17.23 -11.71 -8.07
C GLY C 112 -18.05 -10.71 -7.33
N SER C 113 -18.24 -10.97 -6.01
CA SER C 113 -19.07 -10.19 -5.13
C SER C 113 -18.24 -9.19 -4.40
N ILE C 114 -18.89 -8.08 -4.01
CA ILE C 114 -18.30 -6.94 -3.33
C ILE C 114 -19.15 -6.76 -2.12
N LYS C 115 -18.57 -6.46 -0.94
CA LYS C 115 -19.30 -6.22 0.27
C LYS C 115 -19.01 -4.85 0.78
N LEU C 116 -20.10 -4.05 0.94
CA LEU C 116 -20.07 -2.75 1.57
C LEU C 116 -20.40 -2.93 3.00
N THR C 117 -19.72 -2.20 3.90
CA THR C 117 -19.97 -2.20 5.32
C THR C 117 -20.29 -0.77 5.59
N PHE C 118 -21.12 -0.50 6.61
CA PHE C 118 -21.53 0.83 6.99
C PHE C 118 -21.32 0.87 8.46
N MET C 119 -20.91 2.02 9.02
CA MET C 119 -20.62 2.15 10.43
C MET C 119 -21.28 3.42 10.85
N PHE C 120 -22.19 3.35 11.82
CA PHE C 120 -22.95 4.47 12.31
C PHE C 120 -22.13 5.12 13.39
N CYS C 121 -21.99 6.45 13.31
CA CYS C 121 -21.06 7.21 14.11
C CYS C 121 -21.79 8.36 14.72
N GLY C 122 -23.08 8.15 15.07
CA GLY C 122 -23.85 9.05 15.89
C GLY C 122 -23.48 8.87 17.32
N SER C 123 -24.33 9.39 18.22
CA SER C 123 -24.18 9.21 19.65
C SER C 123 -24.84 7.90 20.00
N ALA C 124 -24.75 7.47 21.27
CA ALA C 124 -25.26 6.19 21.68
C ALA C 124 -26.69 6.33 22.15
N MET C 125 -27.32 7.51 21.93
CA MET C 125 -28.73 7.70 22.20
C MET C 125 -29.47 7.72 20.89
N ALA C 126 -28.78 8.04 19.78
CA ALA C 126 -29.33 7.99 18.45
C ALA C 126 -29.64 6.59 18.04
N THR C 127 -30.70 6.42 17.23
CA THR C 127 -31.19 5.13 16.81
C THR C 127 -31.92 5.42 15.53
N GLY C 128 -32.12 4.41 14.68
CA GLY C 128 -32.81 4.60 13.44
C GLY C 128 -32.72 3.33 12.69
N LYS C 129 -33.32 3.30 11.48
CA LYS C 129 -33.25 2.15 10.62
C LYS C 129 -33.10 2.68 9.24
N PHE C 130 -32.45 1.87 8.37
CA PHE C 130 -32.14 2.23 7.02
C PHE C 130 -32.49 1.07 6.17
N LEU C 131 -32.64 1.33 4.86
CA LEU C 131 -32.88 0.33 3.84
C LEU C 131 -31.71 0.49 2.94
N LEU C 132 -30.85 -0.55 2.81
CA LEU C 132 -29.65 -0.52 2.02
C LEU C 132 -29.96 -1.41 0.85
N ALA C 133 -30.12 -0.84 -0.37
CA ALA C 133 -30.66 -1.53 -1.51
C ALA C 133 -29.65 -1.62 -2.60
N TYR C 134 -29.82 -2.61 -3.50
CA TYR C 134 -29.07 -2.80 -4.70
C TYR C 134 -30.06 -3.24 -5.72
N SER C 135 -30.09 -2.59 -6.90
CA SER C 135 -30.96 -2.91 -7.99
C SER C 135 -30.12 -3.33 -9.15
N PRO C 136 -30.28 -4.51 -9.72
CA PRO C 136 -29.78 -4.88 -11.05
C PRO C 136 -30.15 -3.88 -12.14
N PRO C 137 -29.49 -3.78 -13.28
CA PRO C 137 -29.73 -2.71 -14.23
C PRO C 137 -30.81 -3.15 -15.18
N GLY C 138 -31.48 -2.19 -15.85
CA GLY C 138 -32.46 -2.50 -16.86
C GLY C 138 -33.72 -1.74 -16.64
N ALA C 139 -33.73 -0.78 -15.70
CA ALA C 139 -34.92 -0.05 -15.38
C ALA C 139 -34.55 1.26 -14.76
N GLY C 140 -33.24 1.64 -14.85
CA GLY C 140 -32.70 2.84 -14.24
C GLY C 140 -32.67 2.75 -12.75
N ALA C 141 -32.13 3.81 -12.09
CA ALA C 141 -32.04 3.88 -10.65
C ALA C 141 -33.41 3.99 -10.02
N PRO C 142 -33.69 3.37 -8.86
CA PRO C 142 -34.92 3.59 -8.11
C PRO C 142 -34.98 5.00 -7.59
N THR C 143 -36.17 5.65 -7.64
CA THR C 143 -36.35 7.04 -7.26
C THR C 143 -37.27 7.15 -6.08
N LYS C 144 -37.73 6.02 -5.50
CA LYS C 144 -38.58 6.02 -4.35
C LYS C 144 -38.15 4.84 -3.55
N ARG C 145 -38.51 4.80 -2.25
CA ARG C 145 -38.20 3.71 -1.37
C ARG C 145 -38.92 2.47 -1.78
N VAL C 146 -40.15 2.60 -2.33
CA VAL C 146 -40.98 1.49 -2.75
C VAL C 146 -40.50 0.87 -4.03
N ASP C 147 -39.67 1.59 -4.82
CA ASP C 147 -39.06 1.08 -6.02
C ASP C 147 -37.80 0.34 -5.67
N ALA C 148 -37.20 0.66 -4.51
CA ALA C 148 -35.89 0.21 -4.15
C ALA C 148 -35.97 -1.02 -3.31
N MET C 149 -37.18 -1.40 -2.84
CA MET C 149 -37.37 -2.55 -1.99
C MET C 149 -37.80 -3.71 -2.83
N LEU C 150 -37.76 -3.56 -4.18
CA LEU C 150 -38.06 -4.63 -5.09
C LEU C 150 -36.79 -5.28 -5.54
N GLY C 151 -35.61 -4.71 -5.19
CA GLY C 151 -34.31 -5.28 -5.45
C GLY C 151 -33.85 -6.00 -4.23
N THR C 152 -32.56 -6.39 -4.22
CA THR C 152 -31.84 -6.94 -3.09
C THR C 152 -31.77 -5.87 -2.04
N HIS C 153 -32.00 -6.18 -0.75
CA HIS C 153 -31.90 -5.16 0.25
C HIS C 153 -31.75 -5.82 1.57
N VAL C 154 -31.32 -5.01 2.56
CA VAL C 154 -31.10 -5.40 3.91
C VAL C 154 -31.68 -4.23 4.65
N ILE C 155 -32.42 -4.48 5.75
CA ILE C 155 -32.86 -3.45 6.66
C ILE C 155 -31.88 -3.50 7.79
N TRP C 156 -31.28 -2.35 8.12
CA TRP C 156 -30.23 -2.19 9.10
C TRP C 156 -30.87 -1.52 10.26
N ASP C 157 -30.73 -2.11 11.46
CA ASP C 157 -31.23 -1.58 12.70
C ASP C 157 -29.99 -1.26 13.48
N VAL C 158 -29.94 -0.04 14.06
CA VAL C 158 -28.80 0.44 14.80
C VAL C 158 -29.05 0.18 16.26
N GLY C 159 -28.09 -0.49 16.93
CA GLY C 159 -28.10 -0.69 18.36
C GLY C 159 -26.68 -0.95 18.70
N LEU C 160 -26.42 -1.84 19.69
CA LEU C 160 -25.12 -2.47 19.85
C LEU C 160 -24.90 -3.37 18.67
N GLN C 161 -23.67 -3.33 18.11
CA GLN C 161 -23.31 -3.75 16.76
C GLN C 161 -23.67 -2.55 15.93
N SER C 162 -22.66 -1.77 15.54
CA SER C 162 -22.89 -0.49 14.93
C SER C 162 -22.55 -0.56 13.47
N SER C 163 -22.46 -1.78 12.89
CA SER C 163 -22.17 -1.94 11.50
C SER C 163 -23.05 -2.99 10.94
N CYS C 164 -23.25 -2.98 9.60
CA CYS C 164 -24.05 -3.95 8.92
C CYS C 164 -23.45 -4.01 7.55
N VAL C 165 -23.56 -5.19 6.91
CA VAL C 165 -22.93 -5.52 5.66
C VAL C 165 -24.04 -5.71 4.67
N LEU C 166 -23.92 -5.04 3.50
CA LEU C 166 -24.73 -5.26 2.33
C LEU C 166 -23.77 -5.92 1.39
N CYS C 167 -23.99 -7.22 1.11
CA CYS C 167 -23.18 -7.98 0.21
C CYS C 167 -23.90 -7.90 -1.10
N ILE C 168 -23.16 -7.58 -2.18
CA ILE C 168 -23.70 -7.31 -3.49
C ILE C 168 -23.49 -8.61 -4.24
N PRO C 169 -24.49 -9.41 -4.57
CA PRO C 169 -24.33 -10.65 -5.32
C PRO C 169 -23.81 -10.39 -6.72
N TRP C 170 -23.23 -11.43 -7.36
CA TRP C 170 -22.85 -11.36 -8.74
C TRP C 170 -24.07 -11.74 -9.53
N ILE C 171 -24.65 -10.79 -10.29
CA ILE C 171 -25.78 -11.05 -11.16
C ILE C 171 -25.37 -10.38 -12.43
N SER C 172 -24.94 -11.18 -13.43
CA SER C 172 -24.41 -10.67 -14.65
C SER C 172 -24.72 -11.71 -15.68
N GLN C 173 -24.95 -11.28 -16.95
CA GLN C 173 -25.08 -12.16 -18.09
C GLN C 173 -23.78 -12.88 -18.42
N THR C 174 -22.65 -12.16 -18.35
CA THR C 174 -21.32 -12.61 -18.67
C THR C 174 -20.61 -13.03 -17.42
N HIS C 175 -19.47 -13.76 -17.55
CA HIS C 175 -18.69 -14.22 -16.42
C HIS C 175 -17.81 -13.14 -15.88
N TYR C 176 -17.49 -12.11 -16.68
CA TYR C 176 -16.65 -11.02 -16.29
C TYR C 176 -17.34 -9.80 -16.76
N ARG C 177 -16.99 -8.65 -16.18
CA ARG C 177 -17.45 -7.36 -16.59
C ARG C 177 -16.24 -6.53 -16.84
N PHE C 178 -16.31 -5.57 -17.79
CA PHE C 178 -15.30 -4.56 -18.01
C PHE C 178 -15.16 -3.64 -16.84
N VAL C 179 -13.91 -3.31 -16.48
CA VAL C 179 -13.50 -2.31 -15.54
C VAL C 179 -13.87 -0.93 -16.01
N ALA C 180 -13.68 -0.65 -17.33
CA ALA C 180 -14.00 0.60 -17.95
C ALA C 180 -15.46 0.65 -18.31
N SER C 181 -16.00 1.87 -18.54
CA SER C 181 -17.40 2.10 -18.83
C SER C 181 -17.84 1.48 -20.13
N ASP C 182 -18.89 0.65 -20.05
CA ASP C 182 -19.55 0.03 -21.16
C ASP C 182 -20.94 -0.17 -20.65
N GLU C 183 -21.95 -0.11 -21.55
CA GLU C 183 -23.33 -0.20 -21.16
C GLU C 183 -23.82 -1.61 -21.34
N TYR C 184 -22.97 -2.49 -21.91
CA TYR C 184 -23.29 -3.87 -22.12
C TYR C 184 -23.04 -4.63 -20.83
N THR C 185 -22.15 -4.11 -19.98
CA THR C 185 -21.71 -4.75 -18.77
C THR C 185 -21.97 -3.80 -17.64
N ALA C 186 -23.15 -3.13 -17.68
CA ALA C 186 -23.65 -2.27 -16.63
C ALA C 186 -23.82 -3.02 -15.34
N GLY C 187 -23.61 -2.34 -14.19
CA GLY C 187 -23.52 -2.99 -12.91
C GLY C 187 -24.78 -2.90 -12.11
N GLY C 188 -25.53 -1.79 -12.19
CA GLY C 188 -26.68 -1.58 -11.33
C GLY C 188 -26.39 -0.41 -10.46
N PHE C 189 -27.20 -0.23 -9.38
CA PHE C 189 -27.24 1.01 -8.63
C PHE C 189 -27.40 0.62 -7.19
N ILE C 190 -26.77 1.37 -6.27
CA ILE C 190 -26.75 1.08 -4.86
C ILE C 190 -27.27 2.33 -4.23
N THR C 191 -28.34 2.22 -3.40
CA THR C 191 -29.06 3.36 -2.88
C THR C 191 -29.36 3.09 -1.43
N CYS C 192 -29.70 4.14 -0.65
CA CYS C 192 -29.96 4.02 0.77
C CYS C 192 -31.08 4.97 1.06
N TRP C 193 -31.95 4.62 2.04
CA TRP C 193 -33.16 5.33 2.31
C TRP C 193 -33.34 5.25 3.79
N TYR C 194 -34.19 6.12 4.37
CA TYR C 194 -34.62 6.00 5.74
C TYR C 194 -35.75 5.04 5.77
N GLN C 195 -35.61 3.95 6.55
CA GLN C 195 -36.68 3.01 6.81
C GLN C 195 -37.50 3.60 7.94
N THR C 196 -36.81 4.29 8.87
CA THR C 196 -37.39 4.94 10.02
C THR C 196 -36.45 6.11 10.21
N ASN C 197 -37.00 7.23 10.71
CA ASN C 197 -36.34 8.42 11.15
C ASN C 197 -35.26 8.17 12.18
N ILE C 198 -34.26 9.09 12.28
CA ILE C 198 -33.27 9.15 13.35
C ILE C 198 -33.96 9.82 14.50
N VAL C 199 -34.01 9.17 15.68
CA VAL C 199 -34.71 9.67 16.83
C VAL C 199 -33.66 9.83 17.89
N VAL C 200 -33.63 11.01 18.55
CA VAL C 200 -32.66 11.35 19.57
C VAL C 200 -33.43 11.96 20.72
N PRO C 201 -32.92 11.97 21.94
CA PRO C 201 -33.52 12.71 23.04
C PRO C 201 -32.93 14.09 23.05
N ALA C 202 -33.36 14.94 24.01
CA ALA C 202 -32.78 16.25 24.24
C ALA C 202 -31.36 16.13 24.70
N ASP C 203 -30.49 17.05 24.21
CA ASP C 203 -29.12 17.24 24.61
C ASP C 203 -28.19 16.26 23.92
N ALA C 204 -28.70 15.59 22.87
CA ALA C 204 -27.90 14.76 22.01
C ALA C 204 -28.11 15.34 20.65
N GLN C 205 -27.04 15.42 19.85
CA GLN C 205 -27.03 15.92 18.48
C GLN C 205 -27.94 15.10 17.62
N SER C 206 -28.71 15.77 16.75
CA SER C 206 -29.68 15.15 15.88
C SER C 206 -29.08 14.90 14.52
N SER C 207 -27.79 15.28 14.33
CA SER C 207 -27.07 15.09 13.10
C SER C 207 -25.96 14.14 13.41
N CYS C 208 -25.80 13.12 12.55
CA CYS C 208 -24.95 11.98 12.76
C CYS C 208 -24.35 11.74 11.41
N TYR C 209 -23.38 10.80 11.32
CA TYR C 209 -22.72 10.47 10.10
C TYR C 209 -22.65 8.99 9.99
N ILE C 210 -22.40 8.50 8.77
CA ILE C 210 -22.23 7.12 8.44
C ILE C 210 -20.94 7.13 7.68
N MET C 211 -20.13 6.05 7.80
CA MET C 211 -18.93 5.85 7.02
C MET C 211 -19.14 4.56 6.29
N CYS C 212 -18.61 4.45 5.07
CA CYS C 212 -18.83 3.32 4.20
C CYS C 212 -17.47 2.71 3.94
N PHE C 213 -17.41 1.37 3.74
CA PHE C 213 -16.21 0.61 3.49
C PHE C 213 -16.51 -0.28 2.33
N VAL C 214 -15.49 -0.79 1.62
CA VAL C 214 -15.68 -1.63 0.47
C VAL C 214 -14.55 -2.61 0.46
N SER C 215 -14.85 -3.88 0.11
CA SER C 215 -13.84 -4.89 -0.05
C SER C 215 -14.44 -5.95 -0.90
N ALA C 216 -13.56 -6.78 -1.48
CA ALA C 216 -13.91 -7.91 -2.30
C ALA C 216 -14.21 -9.10 -1.42
N CYS C 217 -14.97 -10.08 -1.95
CA CYS C 217 -15.23 -11.34 -1.32
C CYS C 217 -14.19 -12.32 -1.77
N ASN C 218 -14.37 -13.61 -1.41
CA ASN C 218 -13.40 -14.65 -1.62
C ASN C 218 -13.65 -15.36 -2.93
N ASP C 219 -14.61 -14.87 -3.74
CA ASP C 219 -14.95 -15.43 -5.02
C ASP C 219 -14.60 -14.44 -6.11
N PHE C 220 -13.80 -13.42 -5.76
CA PHE C 220 -13.46 -12.29 -6.59
C PHE C 220 -12.21 -12.61 -7.35
N SER C 221 -12.08 -12.13 -8.61
CA SER C 221 -10.89 -12.33 -9.39
C SER C 221 -10.81 -11.24 -10.41
N VAL C 222 -9.61 -11.01 -10.97
CA VAL C 222 -9.33 -9.96 -11.91
C VAL C 222 -8.52 -10.60 -13.00
N ARG C 223 -8.48 -9.97 -14.20
CA ARG C 223 -7.86 -10.60 -15.33
C ARG C 223 -7.44 -9.52 -16.32
N LEU C 224 -6.28 -9.72 -17.01
CA LEU C 224 -5.77 -8.96 -18.13
C LEU C 224 -5.13 -7.62 -17.79
N LEU C 225 -3.81 -7.63 -17.47
CA LEU C 225 -3.02 -6.49 -17.08
C LEU C 225 -2.94 -5.39 -18.09
N LYS C 226 -2.94 -4.12 -17.61
CA LYS C 226 -2.86 -2.96 -18.46
C LYS C 226 -2.31 -1.85 -17.60
N ASP C 227 -1.78 -0.78 -18.24
CA ASP C 227 -1.33 0.44 -17.60
C ASP C 227 -2.50 1.16 -16.96
N THR C 228 -2.25 1.83 -15.81
CA THR C 228 -3.25 2.56 -15.06
C THR C 228 -3.33 3.96 -15.64
N PRO C 229 -4.50 4.60 -15.77
CA PRO C 229 -4.59 5.97 -16.26
C PRO C 229 -4.22 7.03 -15.25
N PHE C 230 -3.71 6.66 -14.05
CA PHE C 230 -3.65 7.55 -12.91
C PHE C 230 -2.26 7.94 -12.52
N ILE C 231 -1.25 7.73 -13.39
CA ILE C 231 0.08 8.22 -13.10
C ILE C 231 0.60 8.69 -14.43
N SER C 232 1.31 9.85 -14.42
CA SER C 232 1.71 10.55 -15.62
C SER C 232 3.04 11.16 -15.35
N GLN C 233 3.73 11.60 -16.42
CA GLN C 233 4.89 12.42 -16.29
C GLN C 233 5.12 13.13 -17.60
N GLN C 234 5.89 14.25 -17.56
CA GLN C 234 6.19 15.05 -18.71
C GLN C 234 7.67 14.94 -18.99
N ASN C 235 8.48 14.59 -17.98
CA ASN C 235 9.91 14.42 -18.10
C ASN C 235 10.28 13.48 -17.01
N PHE C 236 11.51 12.90 -17.08
CA PHE C 236 12.09 12.10 -16.02
C PHE C 236 12.28 12.93 -14.78
N PHE C 237 12.09 12.31 -13.60
CA PHE C 237 12.01 13.02 -12.33
C PHE C 237 13.41 13.40 -11.86
N GLY D 1 17.96 -34.14 -17.06
CA GLY D 1 17.57 -33.29 -15.95
C GLY D 1 16.40 -32.33 -16.23
N ALA D 2 15.59 -32.68 -17.22
CA ALA D 2 14.45 -31.88 -17.61
C ALA D 2 13.29 -31.87 -16.64
N GLN D 3 12.60 -30.75 -16.52
CA GLN D 3 11.36 -30.77 -15.62
C GLN D 3 10.22 -30.79 -16.60
N VAL D 4 9.13 -31.49 -16.26
CA VAL D 4 7.93 -31.53 -17.06
C VAL D 4 6.87 -31.06 -16.14
N SER D 5 6.09 -30.03 -16.56
CA SER D 5 5.10 -29.41 -15.73
C SER D 5 3.91 -29.17 -16.60
N THR D 6 2.73 -28.92 -16.00
CA THR D 6 1.50 -28.67 -16.70
C THR D 6 1.42 -27.23 -17.13
N GLN D 7 0.77 -26.98 -18.28
CA GLN D 7 0.54 -25.67 -18.83
C GLN D 7 -0.73 -25.12 -18.27
N LYS D 8 -0.94 -23.80 -18.45
CA LYS D 8 -2.15 -23.10 -18.10
C LYS D 8 -3.18 -23.36 -19.17
N THR D 9 -4.34 -23.93 -18.80
CA THR D 9 -5.34 -24.36 -19.76
C THR D 9 -6.67 -23.94 -19.19
N GLY D 10 -7.70 -23.86 -20.06
CA GLY D 10 -9.07 -23.59 -19.68
C GLY D 10 -9.71 -24.86 -19.11
N ILE D 24 -1.77 -29.05 -21.46
CA ILE D 24 -0.95 -30.27 -21.74
C ILE D 24 0.22 -30.21 -20.79
N HIS D 25 1.47 -30.24 -21.30
CA HIS D 25 2.67 -30.23 -20.52
C HIS D 25 3.70 -29.58 -21.38
N TYR D 26 4.77 -29.04 -20.75
CA TYR D 26 5.87 -28.44 -21.44
C TYR D 26 7.11 -28.93 -20.75
N THR D 27 8.27 -28.77 -21.41
CA THR D 27 9.54 -29.28 -20.99
C THR D 27 10.43 -28.07 -20.83
N ASN D 28 11.29 -28.08 -19.79
CA ASN D 28 12.22 -27.02 -19.51
C ASN D 28 13.51 -27.63 -19.03
N ILE D 29 14.66 -27.13 -19.53
CA ILE D 29 16.00 -27.47 -19.11
C ILE D 29 16.63 -26.15 -18.71
N ASN D 30 17.41 -26.11 -17.58
CA ASN D 30 18.18 -24.95 -17.20
C ASN D 30 19.57 -25.06 -17.77
N TYR D 31 20.09 -23.96 -18.36
CA TYR D 31 21.28 -23.99 -19.17
C TYR D 31 22.44 -23.32 -18.52
N TYR D 32 22.26 -22.70 -17.34
CA TYR D 32 23.24 -21.81 -16.76
C TYR D 32 23.47 -22.26 -15.35
N LYS D 33 24.59 -21.81 -14.75
CA LYS D 33 25.06 -22.31 -13.49
C LYS D 33 24.63 -21.42 -12.37
N ASP D 34 23.87 -20.35 -12.65
CA ASP D 34 23.41 -19.39 -11.69
C ASP D 34 21.92 -19.52 -11.70
N ALA D 35 21.29 -19.41 -10.51
CA ALA D 35 19.87 -19.61 -10.35
C ALA D 35 19.15 -18.30 -10.46
N ALA D 36 19.87 -17.23 -10.86
CA ALA D 36 19.31 -15.94 -11.15
C ALA D 36 19.21 -15.79 -12.64
N SER D 37 19.51 -16.86 -13.42
CA SER D 37 19.46 -16.84 -14.86
C SER D 37 18.21 -17.52 -15.32
N ASN D 38 17.49 -18.18 -14.40
CA ASN D 38 16.33 -18.98 -14.71
C ASN D 38 15.18 -18.09 -15.04
N SER D 39 14.23 -18.60 -15.84
CA SER D 39 12.97 -17.97 -16.16
C SER D 39 12.10 -17.76 -14.94
N ALA D 40 11.23 -16.73 -14.98
CA ALA D 40 10.34 -16.32 -13.90
C ALA D 40 9.39 -17.41 -13.47
N ASN D 41 9.03 -17.41 -12.17
CA ASN D 41 8.16 -18.39 -11.55
C ASN D 41 6.76 -17.86 -11.66
N ARG D 42 5.94 -18.48 -12.53
CA ARG D 42 4.68 -17.94 -12.96
C ARG D 42 3.52 -18.64 -12.33
N GLN D 43 3.75 -19.83 -11.72
CA GLN D 43 2.72 -20.79 -11.47
C GLN D 43 2.58 -21.03 -9.99
N ASP D 44 3.02 -20.06 -9.15
CA ASP D 44 2.94 -20.16 -7.70
C ASP D 44 1.68 -19.45 -7.29
N PHE D 45 0.68 -20.20 -6.76
CA PHE D 45 -0.66 -19.70 -6.58
C PHE D 45 -1.11 -19.78 -5.16
N THR D 46 -0.21 -20.13 -4.21
CA THR D 46 -0.51 -20.12 -2.79
C THR D 46 -0.79 -18.73 -2.29
N GLN D 47 -1.70 -18.58 -1.30
CA GLN D 47 -2.14 -17.31 -0.81
C GLN D 47 -2.74 -17.53 0.53
N ASP D 48 -2.90 -16.44 1.32
CA ASP D 48 -3.28 -16.49 2.70
C ASP D 48 -3.69 -15.08 3.03
N PRO D 49 -4.95 -14.68 2.86
CA PRO D 49 -5.40 -13.32 3.10
C PRO D 49 -5.64 -13.07 4.56
N GLY D 50 -5.42 -14.06 5.45
CA GLY D 50 -5.82 -14.03 6.83
C GLY D 50 -4.90 -13.23 7.71
N LYS D 51 -3.77 -12.73 7.17
CA LYS D 51 -2.89 -11.83 7.87
C LYS D 51 -3.41 -10.42 7.85
N PHE D 52 -4.14 -10.03 6.77
CA PHE D 52 -4.51 -8.66 6.54
C PHE D 52 -5.98 -8.49 6.83
N THR D 53 -6.73 -9.61 6.79
CA THR D 53 -8.14 -9.66 7.09
C THR D 53 -8.12 -10.52 8.31
N GLU D 54 -8.89 -10.16 9.35
CA GLU D 54 -8.91 -10.88 10.59
C GLU D 54 -7.58 -10.87 11.35
N PRO D 55 -6.83 -9.78 11.57
CA PRO D 55 -5.59 -9.83 12.35
C PRO D 55 -5.86 -9.86 13.84
N VAL D 56 -7.14 -9.93 14.28
CA VAL D 56 -7.55 -9.91 15.66
C VAL D 56 -7.12 -11.14 16.43
N LYS D 57 -6.75 -10.92 17.72
CA LYS D 57 -6.29 -11.90 18.66
C LYS D 57 -7.32 -12.92 19.01
N ASP D 58 -8.59 -12.49 19.23
CA ASP D 58 -9.70 -13.37 19.51
C ASP D 58 -10.28 -13.80 18.20
N ILE D 59 -10.82 -15.04 18.15
CA ILE D 59 -11.35 -15.63 16.95
C ILE D 59 -12.74 -15.11 16.79
N MET D 60 -13.02 -14.51 15.61
CA MET D 60 -14.30 -13.97 15.27
C MET D 60 -15.05 -15.07 14.58
N ILE D 61 -16.31 -15.25 15.00
CA ILE D 61 -17.21 -16.22 14.47
C ILE D 61 -18.31 -15.37 13.93
N LYS D 62 -18.63 -15.53 12.63
CA LYS D 62 -19.77 -14.87 12.05
C LYS D 62 -20.94 -15.75 12.40
N SER D 63 -22.10 -15.13 12.69
CA SER D 63 -23.28 -15.74 13.23
C SER D 63 -23.21 -15.71 14.74
N LEU D 64 -22.36 -14.83 15.30
CA LEU D 64 -22.29 -14.55 16.71
C LEU D 64 -21.92 -13.10 16.79
N PRO D 65 -22.40 -12.30 17.74
CA PRO D 65 -21.92 -10.95 18.04
C PRO D 65 -20.43 -10.77 18.01
N ALA D 66 -19.93 -9.68 17.39
CA ALA D 66 -18.52 -9.36 17.38
C ALA D 66 -18.11 -8.82 18.73
N LEU D 67 -19.06 -8.13 19.41
CA LEU D 67 -18.87 -7.57 20.72
C LEU D 67 -20.02 -8.09 21.52
N ASN D 68 -19.75 -8.69 22.69
CA ASN D 68 -20.79 -9.22 23.55
C ASN D 68 -21.35 -8.05 24.37
#